data_1NTN
# 
_entry.id   1NTN 
# 
_audit_conform.dict_name       mmcif_pdbx.dic 
_audit_conform.dict_version    5.398 
_audit_conform.dict_location   http://mmcif.pdb.org/dictionaries/ascii/mmcif_pdbx.dic 
# 
loop_
_database_2.database_id 
_database_2.database_code 
_database_2.pdbx_database_accession 
_database_2.pdbx_DOI 
PDB   1NTN         pdb_00001ntn 10.2210/pdb1ntn/pdb 
WWPDB D_1000175396 ?            ?                   
# 
loop_
_pdbx_audit_revision_history.ordinal 
_pdbx_audit_revision_history.data_content_type 
_pdbx_audit_revision_history.major_revision 
_pdbx_audit_revision_history.minor_revision 
_pdbx_audit_revision_history.revision_date 
1 'Structure model' 1 0 1995-05-08 
2 'Structure model' 1 1 2008-03-24 
3 'Structure model' 1 2 2011-07-13 
4 'Structure model' 1 3 2017-11-29 
5 'Structure model' 1 4 2024-10-30 
# 
_pdbx_audit_revision_details.ordinal             1 
_pdbx_audit_revision_details.revision_ordinal    1 
_pdbx_audit_revision_details.data_content_type   'Structure model' 
_pdbx_audit_revision_details.provider            repository 
_pdbx_audit_revision_details.type                'Initial release' 
_pdbx_audit_revision_details.description         ? 
_pdbx_audit_revision_details.details             ? 
# 
loop_
_pdbx_audit_revision_group.ordinal 
_pdbx_audit_revision_group.revision_ordinal 
_pdbx_audit_revision_group.data_content_type 
_pdbx_audit_revision_group.group 
1 2 'Structure model' 'Version format compliance' 
2 3 'Structure model' 'Version format compliance' 
3 4 'Structure model' 'Derived calculations'      
4 4 'Structure model' Other                       
5 5 'Structure model' 'Data collection'           
6 5 'Structure model' 'Database references'       
7 5 'Structure model' 'Structure summary'         
# 
loop_
_pdbx_audit_revision_category.ordinal 
_pdbx_audit_revision_category.revision_ordinal 
_pdbx_audit_revision_category.data_content_type 
_pdbx_audit_revision_category.category 
1 4 'Structure model' pdbx_database_status      
2 4 'Structure model' struct_conf               
3 4 'Structure model' struct_conf_type          
4 5 'Structure model' chem_comp_atom            
5 5 'Structure model' chem_comp_bond            
6 5 'Structure model' database_2                
7 5 'Structure model' pdbx_entry_details        
8 5 'Structure model' pdbx_modification_feature 
9 5 'Structure model' struct_ref_seq_dif        
# 
loop_
_pdbx_audit_revision_item.ordinal 
_pdbx_audit_revision_item.revision_ordinal 
_pdbx_audit_revision_item.data_content_type 
_pdbx_audit_revision_item.item 
1 4 'Structure model' '_pdbx_database_status.process_site'  
2 5 'Structure model' '_database_2.pdbx_DOI'                
3 5 'Structure model' '_database_2.pdbx_database_accession' 
4 5 'Structure model' '_struct_ref_seq_dif.details'         
# 
_pdbx_database_status.status_code                     REL 
_pdbx_database_status.entry_id                        1NTN 
_pdbx_database_status.recvd_initial_deposition_date   1994-09-26 
_pdbx_database_status.deposit_site                    ? 
_pdbx_database_status.process_site                    BNL 
_pdbx_database_status.status_code_sf                  REL 
_pdbx_database_status.status_code_mr                  ? 
_pdbx_database_status.SG_entry                        ? 
_pdbx_database_status.pdb_format_compatible           Y 
_pdbx_database_status.status_code_cs                  ? 
_pdbx_database_status.methods_development_category    ? 
_pdbx_database_status.status_code_nmr_data            ? 
# 
loop_
_audit_author.name 
_audit_author.pdbx_ordinal 
'Mikhailov, A.M.'  1 
'Nickitenko, A.V.' 2 
'Vainshtein, B.K.' 3 
'Betzel, C.'       4 
'Wilson, K.'       5 
# 
loop_
_citation.id 
_citation.title 
_citation.journal_abbrev 
_citation.journal_volume 
_citation.page_first 
_citation.page_last 
_citation.year 
_citation.journal_id_ASTM 
_citation.country 
_citation.journal_id_ISSN 
_citation.journal_id_CSD 
_citation.book_publisher 
_citation.pdbx_database_id_PubMed 
_citation.pdbx_database_id_DOI 
primary 'Three-dimensional structure of neurotoxin-1 from Naja naja oxiana venom at 1.9 A resolution.' 'Febs Lett.' 320 111 117 
1993 FEBLAL NE 0014-5793 0165 ? 8458425 '10.1016/0014-5793(93)80073-4' 
1       'Three-Dimensional Structure of Neurotoxin-1 from Naja Naja Oxiana Venom at 1.9 Angstroms Resolution' 'FEBS Lett.' 320 111 
?   1993 FEBLAL NE 0014-5793 0165 ? ?       ?                              
2       
'Spatial Organization of Backbone of the Neurotoxin-I Molecule from the Naja Naja Oxiana Venom and its Crystal Packing (in Russian)' 
Bioorg.Khim. 17  372 ?   1991 BIKHD7 UR 0132-3423 0364 ? ?       ?                              
3       'Crystallization and Preliminary X-Ray Diffraction Study of Neurotoxin-I from Naja Naja Oxiana Venom' 'FEBS Lett.' 269 255 
257 1990 FEBLAL NE 0014-5793 0165 ? ?       ?                              
# 
loop_
_citation_author.citation_id 
_citation_author.name 
_citation_author.ordinal 
_citation_author.identifier_ORCID 
primary 'Nickitenko, A.V.' 1  ? 
primary 'Michailov, A.M.'  2  ? 
primary 'Betzel, C.'       3  ? 
primary 'Wilson, K.S.'     4  ? 
1       'Nickitenko, A.V.' 5  ? 
1       'Mikhailov, A.M.'  6  ? 
1       'Betzel, C.'       7  ? 
1       'Wilson, K.S.'     8  ? 
2       'Mikhailov, A.M.'  9  ? 
2       'Nickitenko, A.V.' 10 ? 
2       'Chetverina, E.V.' 11 ? 
2       'Trakhanov, S.D.'  12 ? 
2       'Vainshtein, B.K.' 13 ? 
3       'Mikhailov, A.M.'  14 ? 
3       'Nickitenko, A.V.' 15 ? 
3       'Trakhanov, S.D.'  16 ? 
3       'Vainshtein, B.K.' 17 ? 
3       'Chetverina, E.V.' 18 ? 
# 
loop_
_entity.id 
_entity.type 
_entity.src_method 
_entity.pdbx_description 
_entity.formula_weight 
_entity.pdbx_number_of_molecules 
_entity.pdbx_ec 
_entity.pdbx_mutation 
_entity.pdbx_fragment 
_entity.details 
1 polymer man 'NEUROTOXIN I' 7942.115 1  ? ? ? ? 
2 water   nat water          18.015   65 ? ? ? ? 
# 
_entity_poly.entity_id                      1 
_entity_poly.type                           'polypeptide(L)' 
_entity_poly.nstd_linkage                   no 
_entity_poly.nstd_monomer                   no 
_entity_poly.pdbx_seq_one_letter_code       ITCYKTPIITSETCAPGQNLCYTKTWCDAWCGSRGKVIELGCAATCPTVESYQDIKCCSTDNCNPHPKQKRP 
_entity_poly.pdbx_seq_one_letter_code_can   ITCYKTPIITSETCAPGQNLCYTKTWCDAWCGSRGKVIELGCAATCPTVESYQDIKCCSTDNCNPHPKQKRP 
_entity_poly.pdbx_strand_id                 A 
_entity_poly.pdbx_target_identifier         ? 
# 
_pdbx_entity_nonpoly.entity_id   2 
_pdbx_entity_nonpoly.name        water 
_pdbx_entity_nonpoly.comp_id     HOH 
# 
loop_
_entity_poly_seq.entity_id 
_entity_poly_seq.num 
_entity_poly_seq.mon_id 
_entity_poly_seq.hetero 
1 1  ILE n 
1 2  THR n 
1 3  CYS n 
1 4  TYR n 
1 5  LYS n 
1 6  THR n 
1 7  PRO n 
1 8  ILE n 
1 9  ILE n 
1 10 THR n 
1 11 SER n 
1 12 GLU n 
1 13 THR n 
1 14 CYS n 
1 15 ALA n 
1 16 PRO n 
1 17 GLY n 
1 18 GLN n 
1 19 ASN n 
1 20 LEU n 
1 21 CYS n 
1 22 TYR n 
1 23 THR n 
1 24 LYS n 
1 25 THR n 
1 26 TRP n 
1 27 CYS n 
1 28 ASP n 
1 29 ALA n 
1 30 TRP n 
1 31 CYS n 
1 32 GLY n 
1 33 SER n 
1 34 ARG n 
1 35 GLY n 
1 36 LYS n 
1 37 VAL n 
1 38 ILE n 
1 39 GLU n 
1 40 LEU n 
1 41 GLY n 
1 42 CYS n 
1 43 ALA n 
1 44 ALA n 
1 45 THR n 
1 46 CYS n 
1 47 PRO n 
1 48 THR n 
1 49 VAL n 
1 50 GLU n 
1 51 SER n 
1 52 TYR n 
1 53 GLN n 
1 54 ASP n 
1 55 ILE n 
1 56 LYS n 
1 57 CYS n 
1 58 CYS n 
1 59 SER n 
1 60 THR n 
1 61 ASP n 
1 62 ASN n 
1 63 CYS n 
1 64 ASN n 
1 65 PRO n 
1 66 HIS n 
1 67 PRO n 
1 68 LYS n 
1 69 GLN n 
1 70 LYS n 
1 71 ARG n 
1 72 PRO n 
# 
_entity_src_gen.entity_id                          1 
_entity_src_gen.pdbx_src_id                        1 
_entity_src_gen.pdbx_alt_source_flag               sample 
_entity_src_gen.pdbx_seq_type                      ? 
_entity_src_gen.pdbx_beg_seq_num                   ? 
_entity_src_gen.pdbx_end_seq_num                   ? 
_entity_src_gen.gene_src_common_name               'Central Asian cobra' 
_entity_src_gen.gene_src_genus                     Naja 
_entity_src_gen.pdbx_gene_src_gene                 ? 
_entity_src_gen.gene_src_species                   ? 
_entity_src_gen.gene_src_strain                    ? 
_entity_src_gen.gene_src_tissue                    ? 
_entity_src_gen.gene_src_tissue_fraction           ? 
_entity_src_gen.gene_src_details                   ? 
_entity_src_gen.pdbx_gene_src_fragment             ? 
_entity_src_gen.pdbx_gene_src_scientific_name      'Naja oxiana' 
_entity_src_gen.pdbx_gene_src_ncbi_taxonomy_id     8657 
_entity_src_gen.pdbx_gene_src_variant              ? 
_entity_src_gen.pdbx_gene_src_cell_line            ? 
_entity_src_gen.pdbx_gene_src_atcc                 ? 
_entity_src_gen.pdbx_gene_src_organ                ? 
_entity_src_gen.pdbx_gene_src_organelle            ? 
_entity_src_gen.pdbx_gene_src_cell                 ? 
_entity_src_gen.pdbx_gene_src_cellular_location    ? 
_entity_src_gen.host_org_common_name               ? 
_entity_src_gen.pdbx_host_org_scientific_name      ? 
_entity_src_gen.pdbx_host_org_ncbi_taxonomy_id     ? 
_entity_src_gen.host_org_genus                     ? 
_entity_src_gen.pdbx_host_org_gene                 ? 
_entity_src_gen.pdbx_host_org_organ                ? 
_entity_src_gen.host_org_species                   ? 
_entity_src_gen.pdbx_host_org_tissue               ? 
_entity_src_gen.pdbx_host_org_tissue_fraction      ? 
_entity_src_gen.pdbx_host_org_strain               ? 
_entity_src_gen.pdbx_host_org_variant              ? 
_entity_src_gen.pdbx_host_org_cell_line            ? 
_entity_src_gen.pdbx_host_org_atcc                 ? 
_entity_src_gen.pdbx_host_org_culture_collection   ? 
_entity_src_gen.pdbx_host_org_cell                 ? 
_entity_src_gen.pdbx_host_org_organelle            ? 
_entity_src_gen.pdbx_host_org_cellular_location    ? 
_entity_src_gen.pdbx_host_org_vector_type          ? 
_entity_src_gen.pdbx_host_org_vector               ? 
_entity_src_gen.host_org_details                   ? 
_entity_src_gen.expression_system_id               ? 
_entity_src_gen.plasmid_name                       ? 
_entity_src_gen.plasmid_details                    ? 
_entity_src_gen.pdbx_description                   ? 
# 
loop_
_chem_comp.id 
_chem_comp.type 
_chem_comp.mon_nstd_flag 
_chem_comp.name 
_chem_comp.pdbx_synonyms 
_chem_comp.formula 
_chem_comp.formula_weight 
ALA 'L-peptide linking' y ALANINE         ? 'C3 H7 N O2'     89.093  
ARG 'L-peptide linking' y ARGININE        ? 'C6 H15 N4 O2 1' 175.209 
ASN 'L-peptide linking' y ASPARAGINE      ? 'C4 H8 N2 O3'    132.118 
ASP 'L-peptide linking' y 'ASPARTIC ACID' ? 'C4 H7 N O4'     133.103 
CYS 'L-peptide linking' y CYSTEINE        ? 'C3 H7 N O2 S'   121.158 
GLN 'L-peptide linking' y GLUTAMINE       ? 'C5 H10 N2 O3'   146.144 
GLU 'L-peptide linking' y 'GLUTAMIC ACID' ? 'C5 H9 N O4'     147.129 
GLY 'peptide linking'   y GLYCINE         ? 'C2 H5 N O2'     75.067  
HIS 'L-peptide linking' y HISTIDINE       ? 'C6 H10 N3 O2 1' 156.162 
HOH non-polymer         . WATER           ? 'H2 O'           18.015  
ILE 'L-peptide linking' y ISOLEUCINE      ? 'C6 H13 N O2'    131.173 
LEU 'L-peptide linking' y LEUCINE         ? 'C6 H13 N O2'    131.173 
LYS 'L-peptide linking' y LYSINE          ? 'C6 H15 N2 O2 1' 147.195 
PRO 'L-peptide linking' y PROLINE         ? 'C5 H9 N O2'     115.130 
SER 'L-peptide linking' y SERINE          ? 'C3 H7 N O3'     105.093 
THR 'L-peptide linking' y THREONINE       ? 'C4 H9 N O3'     119.119 
TRP 'L-peptide linking' y TRYPTOPHAN      ? 'C11 H12 N2 O2'  204.225 
TYR 'L-peptide linking' y TYROSINE        ? 'C9 H11 N O3'    181.189 
VAL 'L-peptide linking' y VALINE          ? 'C5 H11 N O2'    117.146 
# 
loop_
_pdbx_poly_seq_scheme.asym_id 
_pdbx_poly_seq_scheme.entity_id 
_pdbx_poly_seq_scheme.seq_id 
_pdbx_poly_seq_scheme.mon_id 
_pdbx_poly_seq_scheme.ndb_seq_num 
_pdbx_poly_seq_scheme.pdb_seq_num 
_pdbx_poly_seq_scheme.auth_seq_num 
_pdbx_poly_seq_scheme.pdb_mon_id 
_pdbx_poly_seq_scheme.auth_mon_id 
_pdbx_poly_seq_scheme.pdb_strand_id 
_pdbx_poly_seq_scheme.pdb_ins_code 
_pdbx_poly_seq_scheme.hetero 
A 1 1  ILE 1  1  1  ILE ILE A . n 
A 1 2  THR 2  2  2  THR THR A . n 
A 1 3  CYS 3  3  3  CYS CYS A . n 
A 1 4  TYR 4  4  4  TYR TYR A . n 
A 1 5  LYS 5  5  5  LYS LYS A . n 
A 1 6  THR 6  6  6  THR THR A . n 
A 1 7  PRO 7  7  7  PRO PRO A . n 
A 1 8  ILE 8  8  8  ILE ILE A . n 
A 1 9  ILE 9  9  9  ILE ILE A . n 
A 1 10 THR 10 10 10 THR THR A . n 
A 1 11 SER 11 11 11 SER SER A . n 
A 1 12 GLU 12 12 12 GLU GLU A . n 
A 1 13 THR 13 13 13 THR THR A . n 
A 1 14 CYS 14 14 14 CYS CYS A . n 
A 1 15 ALA 15 15 15 ALA ALA A . n 
A 1 16 PRO 16 16 16 PRO PRO A . n 
A 1 17 GLY 17 17 17 GLY GLY A . n 
A 1 18 GLN 18 18 18 GLN GLN A . n 
A 1 19 ASN 19 19 19 ASN ASN A . n 
A 1 20 LEU 20 20 20 LEU LEU A . n 
A 1 21 CYS 21 21 21 CYS CYS A . n 
A 1 22 TYR 22 22 22 TYR TYR A . n 
A 1 23 THR 23 23 23 THR THR A . n 
A 1 24 LYS 24 24 24 LYS LYS A . n 
A 1 25 THR 25 25 25 THR THR A . n 
A 1 26 TRP 26 26 26 TRP TRP A . n 
A 1 27 CYS 27 27 27 CYS CYS A . n 
A 1 28 ASP 28 28 28 ASP ASP A . n 
A 1 29 ALA 29 29 29 ALA ALA A . n 
A 1 30 TRP 30 30 30 TRP TRP A . n 
A 1 31 CYS 31 31 31 CYS CYS A . n 
A 1 32 GLY 32 32 32 GLY GLY A . n 
A 1 33 SER 33 33 33 SER SER A . n 
A 1 34 ARG 34 34 34 ARG ARG A . n 
A 1 35 GLY 35 35 35 GLY GLY A . n 
A 1 36 LYS 36 36 36 LYS LYS A . n 
A 1 37 VAL 37 37 37 VAL VAL A . n 
A 1 38 ILE 38 38 38 ILE ILE A . n 
A 1 39 GLU 39 39 39 GLU GLU A . n 
A 1 40 LEU 40 40 40 LEU LEU A . n 
A 1 41 GLY 41 41 41 GLY GLY A . n 
A 1 42 CYS 42 42 42 CYS CYS A . n 
A 1 43 ALA 43 43 43 ALA ALA A . n 
A 1 44 ALA 44 44 44 ALA ALA A . n 
A 1 45 THR 45 45 45 THR THR A . n 
A 1 46 CYS 46 46 46 CYS CYS A . n 
A 1 47 PRO 47 47 47 PRO PRO A . n 
A 1 48 THR 48 48 48 THR THR A . n 
A 1 49 VAL 49 49 49 VAL VAL A . n 
A 1 50 GLU 50 50 50 GLU GLU A . n 
A 1 51 SER 51 51 51 SER SER A . n 
A 1 52 TYR 52 52 52 TYR TYR A . n 
A 1 53 GLN 53 53 53 GLN GLN A . n 
A 1 54 ASP 54 54 54 ASP ASP A . n 
A 1 55 ILE 55 55 55 ILE ILE A . n 
A 1 56 LYS 56 56 56 LYS LYS A . n 
A 1 57 CYS 57 57 57 CYS CYS A . n 
A 1 58 CYS 58 58 58 CYS CYS A . n 
A 1 59 SER 59 59 59 SER SER A . n 
A 1 60 THR 60 60 60 THR THR A . n 
A 1 61 ASP 61 61 61 ASP ASP A . n 
A 1 62 ASN 62 62 62 ASN ASN A . n 
A 1 63 CYS 63 63 63 CYS CYS A . n 
A 1 64 ASN 64 64 64 ASN ASN A . n 
A 1 65 PRO 65 65 65 PRO PRO A . n 
A 1 66 HIS 66 66 66 HIS HIS A . n 
A 1 67 PRO 67 67 67 PRO PRO A . n 
A 1 68 LYS 68 68 68 LYS LYS A . n 
A 1 69 GLN 69 69 69 GLN GLN A . n 
A 1 70 LYS 70 70 70 LYS LYS A . n 
A 1 71 ARG 71 71 71 ARG ARG A . n 
A 1 72 PRO 72 72 72 PRO PRO A . n 
# 
loop_
_pdbx_nonpoly_scheme.asym_id 
_pdbx_nonpoly_scheme.entity_id 
_pdbx_nonpoly_scheme.mon_id 
_pdbx_nonpoly_scheme.ndb_seq_num 
_pdbx_nonpoly_scheme.pdb_seq_num 
_pdbx_nonpoly_scheme.auth_seq_num 
_pdbx_nonpoly_scheme.pdb_mon_id 
_pdbx_nonpoly_scheme.auth_mon_id 
_pdbx_nonpoly_scheme.pdb_strand_id 
_pdbx_nonpoly_scheme.pdb_ins_code 
B 2 HOH 1  73  73  HOH HOH A . 
B 2 HOH 2  74  74  HOH HOH A . 
B 2 HOH 3  75  75  HOH HOH A . 
B 2 HOH 4  76  76  HOH HOH A . 
B 2 HOH 5  77  77  HOH HOH A . 
B 2 HOH 6  78  78  HOH HOH A . 
B 2 HOH 7  79  79  HOH HOH A . 
B 2 HOH 8  80  80  HOH HOH A . 
B 2 HOH 9  81  81  HOH HOH A . 
B 2 HOH 10 82  82  HOH HOH A . 
B 2 HOH 11 83  83  HOH HOH A . 
B 2 HOH 12 84  84  HOH HOH A . 
B 2 HOH 13 85  85  HOH HOH A . 
B 2 HOH 14 86  86  HOH HOH A . 
B 2 HOH 15 87  87  HOH HOH A . 
B 2 HOH 16 88  88  HOH HOH A . 
B 2 HOH 17 89  89  HOH HOH A . 
B 2 HOH 18 90  90  HOH HOH A . 
B 2 HOH 19 91  91  HOH HOH A . 
B 2 HOH 20 92  92  HOH HOH A . 
B 2 HOH 21 93  93  HOH HOH A . 
B 2 HOH 22 94  94  HOH HOH A . 
B 2 HOH 23 95  95  HOH HOH A . 
B 2 HOH 24 96  96  HOH HOH A . 
B 2 HOH 25 97  97  HOH HOH A . 
B 2 HOH 26 98  98  HOH HOH A . 
B 2 HOH 27 99  99  HOH HOH A . 
B 2 HOH 28 100 100 HOH HOH A . 
B 2 HOH 29 101 101 HOH HOH A . 
B 2 HOH 30 102 102 HOH HOH A . 
B 2 HOH 31 103 103 HOH HOH A . 
B 2 HOH 32 104 104 HOH HOH A . 
B 2 HOH 33 105 105 HOH HOH A . 
B 2 HOH 34 106 106 HOH HOH A . 
B 2 HOH 35 107 107 HOH HOH A . 
B 2 HOH 36 108 108 HOH HOH A . 
B 2 HOH 37 109 109 HOH HOH A . 
B 2 HOH 38 110 110 HOH HOH A . 
B 2 HOH 39 111 111 HOH HOH A . 
B 2 HOH 40 112 112 HOH HOH A . 
B 2 HOH 41 113 113 HOH HOH A . 
B 2 HOH 42 114 114 HOH HOH A . 
B 2 HOH 43 115 115 HOH HOH A . 
B 2 HOH 44 116 116 HOH HOH A . 
B 2 HOH 45 117 117 HOH HOH A . 
B 2 HOH 46 118 118 HOH HOH A . 
B 2 HOH 47 119 119 HOH HOH A . 
B 2 HOH 48 120 120 HOH HOH A . 
B 2 HOH 49 121 121 HOH HOH A . 
B 2 HOH 50 122 122 HOH HOH A . 
B 2 HOH 51 123 123 HOH HOH A . 
B 2 HOH 52 124 124 HOH HOH A . 
B 2 HOH 53 125 125 HOH HOH A . 
B 2 HOH 54 126 126 HOH HOH A . 
B 2 HOH 55 127 127 HOH HOH A . 
B 2 HOH 56 128 128 HOH HOH A . 
B 2 HOH 57 129 129 HOH HOH A . 
B 2 HOH 58 130 130 HOH HOH A . 
B 2 HOH 59 131 131 HOH HOH A . 
B 2 HOH 60 132 132 HOH HOH A . 
B 2 HOH 61 133 133 HOH HOH A . 
B 2 HOH 62 134 134 HOH HOH A . 
B 2 HOH 63 135 135 HOH HOH A . 
B 2 HOH 64 136 136 HOH HOH A . 
B 2 HOH 65 137 137 HOH HOH A . 
# 
loop_
_pdbx_unobs_or_zero_occ_atoms.id 
_pdbx_unobs_or_zero_occ_atoms.PDB_model_num 
_pdbx_unobs_or_zero_occ_atoms.polymer_flag 
_pdbx_unobs_or_zero_occ_atoms.occupancy_flag 
_pdbx_unobs_or_zero_occ_atoms.auth_asym_id 
_pdbx_unobs_or_zero_occ_atoms.auth_comp_id 
_pdbx_unobs_or_zero_occ_atoms.auth_seq_id 
_pdbx_unobs_or_zero_occ_atoms.PDB_ins_code 
_pdbx_unobs_or_zero_occ_atoms.auth_atom_id 
_pdbx_unobs_or_zero_occ_atoms.label_alt_id 
_pdbx_unobs_or_zero_occ_atoms.label_asym_id 
_pdbx_unobs_or_zero_occ_atoms.label_comp_id 
_pdbx_unobs_or_zero_occ_atoms.label_seq_id 
_pdbx_unobs_or_zero_occ_atoms.label_atom_id 
1  1 Y 1 A GLN 69 ? CB  ? A GLN 69 CB  
2  1 Y 1 A GLN 69 ? CG  ? A GLN 69 CG  
3  1 Y 1 A GLN 69 ? CD  ? A GLN 69 CD  
4  1 Y 1 A GLN 69 ? OE1 ? A GLN 69 OE1 
5  1 Y 1 A GLN 69 ? NE2 ? A GLN 69 NE2 
6  1 Y 1 A LYS 70 ? CB  ? A LYS 70 CB  
7  1 Y 1 A LYS 70 ? CG  ? A LYS 70 CG  
8  1 Y 1 A LYS 70 ? CD  ? A LYS 70 CD  
9  1 Y 1 A LYS 70 ? CE  ? A LYS 70 CE  
10 1 Y 1 A LYS 70 ? NZ  ? A LYS 70 NZ  
11 1 Y 1 A ARG 71 ? CB  ? A ARG 71 CB  
12 1 Y 1 A ARG 71 ? CG  ? A ARG 71 CG  
13 1 Y 1 A ARG 71 ? CD  ? A ARG 71 CD  
14 1 Y 1 A ARG 71 ? NE  ? A ARG 71 NE  
15 1 Y 1 A ARG 71 ? CZ  ? A ARG 71 CZ  
16 1 Y 1 A ARG 71 ? NH1 ? A ARG 71 NH1 
17 1 Y 1 A ARG 71 ? NH2 ? A ARG 71 NH2 
# 
_software.name             PROLSQ 
_software.classification   refinement 
_software.version          . 
_software.citation_id      ? 
_software.pdbx_ordinal     1 
# 
_cell.entry_id           1NTN 
_cell.length_a           25.170 
_cell.length_b           75.580 
_cell.length_c           35.860 
_cell.angle_alpha        90.00 
_cell.angle_beta         90.00 
_cell.angle_gamma        90.00 
_cell.Z_PDB              4 
_cell.pdbx_unique_axis   ? 
# 
_symmetry.entry_id                         1NTN 
_symmetry.space_group_name_H-M             'P 21 21 21' 
_symmetry.pdbx_full_space_group_name_H-M   ? 
_symmetry.cell_setting                     ? 
_symmetry.Int_Tables_number                19 
# 
_exptl.entry_id          1NTN 
_exptl.method            'X-RAY DIFFRACTION' 
_exptl.crystals_number   ? 
# 
_exptl_crystal.id                    1 
_exptl_crystal.density_meas          ? 
_exptl_crystal.density_Matthews      2.15 
_exptl_crystal.density_percent_sol   42.68 
_exptl_crystal.description           ? 
# 
_diffrn.id                     1 
_diffrn.ambient_temp           ? 
_diffrn.ambient_temp_details   ? 
_diffrn.crystal_id             1 
# 
_diffrn_radiation.diffrn_id                        1 
_diffrn_radiation.wavelength_id                    1 
_diffrn_radiation.pdbx_monochromatic_or_laue_m_l   ? 
_diffrn_radiation.monochromator                    ? 
_diffrn_radiation.pdbx_diffrn_protocol             ? 
_diffrn_radiation.pdbx_scattering_type             x-ray 
# 
_diffrn_radiation_wavelength.id           1 
_diffrn_radiation_wavelength.wavelength   . 
_diffrn_radiation_wavelength.wt           1.0 
# 
_refine.entry_id                                 1NTN 
_refine.ls_number_reflns_obs                     4979 
_refine.ls_number_reflns_all                     ? 
_refine.pdbx_ls_sigma_I                          ? 
_refine.pdbx_ls_sigma_F                          1. 
_refine.pdbx_data_cutoff_high_absF               ? 
_refine.pdbx_data_cutoff_low_absF                ? 
_refine.pdbx_data_cutoff_high_rms_absF           ? 
_refine.ls_d_res_low                             38.0 
_refine.ls_d_res_high                            1.9 
_refine.ls_percent_reflns_obs                    ? 
_refine.ls_R_factor_obs                          0.19 
_refine.ls_R_factor_all                          ? 
_refine.ls_R_factor_R_work                       ? 
_refine.ls_R_factor_R_free                       ? 
_refine.ls_R_factor_R_free_error                 ? 
_refine.ls_R_factor_R_free_error_details         ? 
_refine.ls_percent_reflns_R_free                 ? 
_refine.ls_number_reflns_R_free                  ? 
_refine.ls_number_parameters                     ? 
_refine.ls_number_restraints                     ? 
_refine.occupancy_min                            ? 
_refine.occupancy_max                            ? 
_refine.B_iso_mean                               ? 
_refine.aniso_B[1][1]                            ? 
_refine.aniso_B[2][2]                            ? 
_refine.aniso_B[3][3]                            ? 
_refine.aniso_B[1][2]                            ? 
_refine.aniso_B[1][3]                            ? 
_refine.aniso_B[2][3]                            ? 
_refine.solvent_model_details                    ? 
_refine.solvent_model_param_ksol                 ? 
_refine.solvent_model_param_bsol                 ? 
_refine.pdbx_ls_cross_valid_method               ? 
_refine.details                                  
'RESIDUES 69 - 71 ARE POORLY DEFINED IN THE ELECTRON-DENSITY MAP AND IN REFINEMENT' 
_refine.pdbx_starting_model                      ? 
_refine.pdbx_method_to_determine_struct          ? 
_refine.pdbx_isotropic_thermal_model             ? 
_refine.pdbx_stereochemistry_target_values       ? 
_refine.pdbx_stereochem_target_val_spec_case     ? 
_refine.pdbx_R_Free_selection_details            ? 
_refine.pdbx_overall_ESU_R                       ? 
_refine.pdbx_overall_ESU_R_Free                  ? 
_refine.overall_SU_ML                            ? 
_refine.overall_SU_B                             ? 
_refine.pdbx_refine_id                           'X-RAY DIFFRACTION' 
_refine.pdbx_diffrn_id                           1 
_refine.pdbx_TLS_residual_ADP_flag               ? 
_refine.correlation_coeff_Fo_to_Fc               ? 
_refine.correlation_coeff_Fo_to_Fc_free          ? 
_refine.pdbx_solvent_vdw_probe_radii             ? 
_refine.pdbx_solvent_ion_probe_radii             ? 
_refine.pdbx_solvent_shrinkage_radii             ? 
_refine.pdbx_overall_phase_error                 ? 
_refine.overall_SU_R_Cruickshank_DPI             ? 
_refine.pdbx_overall_SU_R_free_Cruickshank_DPI   ? 
_refine.pdbx_overall_SU_R_Blow_DPI               ? 
_refine.pdbx_overall_SU_R_free_Blow_DPI          ? 
# 
_refine_hist.pdbx_refine_id                   'X-RAY DIFFRACTION' 
_refine_hist.cycle_id                         LAST 
_refine_hist.pdbx_number_atoms_protein        534 
_refine_hist.pdbx_number_atoms_nucleic_acid   0 
_refine_hist.pdbx_number_atoms_ligand         0 
_refine_hist.number_atoms_solvent             65 
_refine_hist.number_atoms_total               599 
_refine_hist.d_res_high                       1.9 
_refine_hist.d_res_low                        38.0 
# 
loop_
_refine_ls_restr.type 
_refine_ls_restr.dev_ideal 
_refine_ls_restr.dev_ideal_target 
_refine_ls_restr.weight 
_refine_ls_restr.number 
_refine_ls_restr.pdbx_refine_id 
_refine_ls_restr.pdbx_restraint_function 
p_bond_d            0.020 0.014 ? ? 'X-RAY DIFFRACTION' ? 
p_angle_d           0.030 0.056 ? ? 'X-RAY DIFFRACTION' ? 
p_angle_deg         ?     ?     ? ? 'X-RAY DIFFRACTION' ? 
p_planar_d          0.040 0.062 ? ? 'X-RAY DIFFRACTION' ? 
p_hb_or_metal_coord ?     ?     ? ? 'X-RAY DIFFRACTION' ? 
p_mcbond_it         ?     ?     ? ? 'X-RAY DIFFRACTION' ? 
p_mcangle_it        ?     ?     ? ? 'X-RAY DIFFRACTION' ? 
p_scbond_it         ?     ?     ? ? 'X-RAY DIFFRACTION' ? 
p_scangle_it        ?     ?     ? ? 'X-RAY DIFFRACTION' ? 
p_plane_restr       0.020 0.018 ? ? 'X-RAY DIFFRACTION' ? 
p_chiral_restr      0.200 0.227 ? ? 'X-RAY DIFFRACTION' ? 
p_singtor_nbd       0.300 0.214 ? ? 'X-RAY DIFFRACTION' ? 
p_multtor_nbd       0.300 0.324 ? ? 'X-RAY DIFFRACTION' ? 
p_xhyhbond_nbd      0.300 0.216 ? ? 'X-RAY DIFFRACTION' ? 
p_xyhbond_nbd       ?     ?     ? ? 'X-RAY DIFFRACTION' ? 
p_planar_tor        3.0   3.3   ? ? 'X-RAY DIFFRACTION' ? 
p_staggered_tor     20.0  25.7  ? ? 'X-RAY DIFFRACTION' ? 
p_orthonormal_tor   20.0  11.5  ? ? 'X-RAY DIFFRACTION' ? 
p_transverse_tor    ?     ?     ? ? 'X-RAY DIFFRACTION' ? 
p_special_tor       ?     ?     ? ? 'X-RAY DIFFRACTION' ? 
# 
_struct.entry_id                  1NTN 
_struct.title                     'THE CRYSTAL STRUCTURE OF NEUROTOXIN-I FROM NAJA NAJA OXIANA AT 1.9 ANGSTROMS RESOLUTION' 
_struct.pdbx_model_details        ? 
_struct.pdbx_CASP_flag            ? 
_struct.pdbx_model_type_details   ? 
# 
_struct_keywords.entry_id        1NTN 
_struct_keywords.pdbx_keywords   'POSTSYNAPTIC NEUROTOXIN' 
_struct_keywords.text            'POSTSYNAPTIC NEUROTOXIN' 
# 
loop_
_struct_asym.id 
_struct_asym.pdbx_blank_PDB_chainid_flag 
_struct_asym.pdbx_modified 
_struct_asym.entity_id 
_struct_asym.details 
A N N 1 ? 
B N N 2 ? 
# 
_struct_ref.id                         1 
_struct_ref.db_name                    UNP 
_struct_ref.db_code                    NXL1_NAJOX 
_struct_ref.entity_id                  1 
_struct_ref.pdbx_db_accession          P01382 
_struct_ref.pdbx_align_begin           1 
_struct_ref.pdbx_seq_one_letter_code   ITCYKTPIPITSETCAPGQNLCYTKTWCDAWCGSRGKVIELGCAATCPTVESYQDIKCCSTDDCNPHPKQKRP 
_struct_ref.pdbx_db_isoform            ? 
# 
_struct_ref_seq.align_id                      1 
_struct_ref_seq.ref_id                        1 
_struct_ref_seq.pdbx_PDB_id_code              1NTN 
_struct_ref_seq.pdbx_strand_id                A 
_struct_ref_seq.seq_align_beg                 1 
_struct_ref_seq.pdbx_seq_align_beg_ins_code   ? 
_struct_ref_seq.seq_align_end                 72 
_struct_ref_seq.pdbx_seq_align_end_ins_code   ? 
_struct_ref_seq.pdbx_db_accession             P01382 
_struct_ref_seq.db_align_beg                  1 
_struct_ref_seq.pdbx_db_align_beg_ins_code    ? 
_struct_ref_seq.db_align_end                  73 
_struct_ref_seq.pdbx_db_align_end_ins_code    ? 
_struct_ref_seq.pdbx_auth_seq_align_beg       1 
_struct_ref_seq.pdbx_auth_seq_align_end       72 
# 
loop_
_struct_ref_seq_dif.align_id 
_struct_ref_seq_dif.pdbx_pdb_id_code 
_struct_ref_seq_dif.mon_id 
_struct_ref_seq_dif.pdbx_pdb_strand_id 
_struct_ref_seq_dif.seq_num 
_struct_ref_seq_dif.pdbx_pdb_ins_code 
_struct_ref_seq_dif.pdbx_seq_db_name 
_struct_ref_seq_dif.pdbx_seq_db_accession_code 
_struct_ref_seq_dif.db_mon_id 
_struct_ref_seq_dif.pdbx_seq_db_seq_num 
_struct_ref_seq_dif.details 
_struct_ref_seq_dif.pdbx_auth_seq_num 
_struct_ref_seq_dif.pdbx_ordinal 
1 1NTN ?   A ?  ? UNP P01382 PRO 9  deletion ?  1 
1 1NTN ASN A 62 ? UNP P01382 ASP 63 conflict 62 2 
# 
_pdbx_struct_assembly.id                   1 
_pdbx_struct_assembly.details              author_defined_assembly 
_pdbx_struct_assembly.method_details       ? 
_pdbx_struct_assembly.oligomeric_details   monomeric 
_pdbx_struct_assembly.oligomeric_count     1 
# 
_pdbx_struct_assembly_gen.assembly_id       1 
_pdbx_struct_assembly_gen.oper_expression   1 
_pdbx_struct_assembly_gen.asym_id_list      A,B 
# 
_pdbx_struct_oper_list.id                   1 
_pdbx_struct_oper_list.type                 'identity operation' 
_pdbx_struct_oper_list.name                 1_555 
_pdbx_struct_oper_list.symmetry_operation   x,y,z 
_pdbx_struct_oper_list.matrix[1][1]         1.0000000000 
_pdbx_struct_oper_list.matrix[1][2]         0.0000000000 
_pdbx_struct_oper_list.matrix[1][3]         0.0000000000 
_pdbx_struct_oper_list.vector[1]            0.0000000000 
_pdbx_struct_oper_list.matrix[2][1]         0.0000000000 
_pdbx_struct_oper_list.matrix[2][2]         1.0000000000 
_pdbx_struct_oper_list.matrix[2][3]         0.0000000000 
_pdbx_struct_oper_list.vector[2]            0.0000000000 
_pdbx_struct_oper_list.matrix[3][1]         0.0000000000 
_pdbx_struct_oper_list.matrix[3][2]         0.0000000000 
_pdbx_struct_oper_list.matrix[3][3]         1.0000000000 
_pdbx_struct_oper_list.vector[3]            0.0000000000 
# 
_struct_biol.id   1 
# 
_struct_conf.conf_type_id            HELX_P 
_struct_conf.id                      HELX_P1 
_struct_conf.pdbx_PDB_helix_id       1 
_struct_conf.beg_label_comp_id       TRP 
_struct_conf.beg_label_asym_id       A 
_struct_conf.beg_label_seq_id        30 
_struct_conf.pdbx_beg_PDB_ins_code   ? 
_struct_conf.end_label_comp_id       GLY 
_struct_conf.end_label_asym_id       A 
_struct_conf.end_label_seq_id        35 
_struct_conf.pdbx_end_PDB_ins_code   ? 
_struct_conf.beg_auth_comp_id        TRP 
_struct_conf.beg_auth_asym_id        A 
_struct_conf.beg_auth_seq_id         30 
_struct_conf.end_auth_comp_id        GLY 
_struct_conf.end_auth_asym_id        A 
_struct_conf.end_auth_seq_id         35 
_struct_conf.pdbx_PDB_helix_class    1 
_struct_conf.details                 ? 
_struct_conf.pdbx_PDB_helix_length   6 
# 
_struct_conf_type.id          HELX_P 
_struct_conf_type.criteria    ? 
_struct_conf_type.reference   ? 
# 
loop_
_struct_conn.id 
_struct_conn.conn_type_id 
_struct_conn.pdbx_leaving_atom_flag 
_struct_conn.pdbx_PDB_id 
_struct_conn.ptnr1_label_asym_id 
_struct_conn.ptnr1_label_comp_id 
_struct_conn.ptnr1_label_seq_id 
_struct_conn.ptnr1_label_atom_id 
_struct_conn.pdbx_ptnr1_label_alt_id 
_struct_conn.pdbx_ptnr1_PDB_ins_code 
_struct_conn.pdbx_ptnr1_standard_comp_id 
_struct_conn.ptnr1_symmetry 
_struct_conn.ptnr2_label_asym_id 
_struct_conn.ptnr2_label_comp_id 
_struct_conn.ptnr2_label_seq_id 
_struct_conn.ptnr2_label_atom_id 
_struct_conn.pdbx_ptnr2_label_alt_id 
_struct_conn.pdbx_ptnr2_PDB_ins_code 
_struct_conn.ptnr1_auth_asym_id 
_struct_conn.ptnr1_auth_comp_id 
_struct_conn.ptnr1_auth_seq_id 
_struct_conn.ptnr2_auth_asym_id 
_struct_conn.ptnr2_auth_comp_id 
_struct_conn.ptnr2_auth_seq_id 
_struct_conn.ptnr2_symmetry 
_struct_conn.pdbx_ptnr3_label_atom_id 
_struct_conn.pdbx_ptnr3_label_seq_id 
_struct_conn.pdbx_ptnr3_label_comp_id 
_struct_conn.pdbx_ptnr3_label_asym_id 
_struct_conn.pdbx_ptnr3_label_alt_id 
_struct_conn.pdbx_ptnr3_PDB_ins_code 
_struct_conn.details 
_struct_conn.pdbx_dist_value 
_struct_conn.pdbx_value_order 
_struct_conn.pdbx_role 
disulf1 disulf ? ? A CYS 3  SG ? ? ? 1_555 A CYS 21 SG ? ? A CYS 3  A CYS 21 1_555 ? ? ? ? ? ? ? 2.066 ? ? 
disulf2 disulf ? ? A CYS 14 SG ? ? ? 1_555 A CYS 42 SG ? ? A CYS 14 A CYS 42 1_555 ? ? ? ? ? ? ? 1.994 ? ? 
disulf3 disulf ? ? A CYS 27 SG ? ? ? 1_555 A CYS 31 SG ? ? A CYS 27 A CYS 31 1_555 ? ? ? ? ? ? ? 2.069 ? ? 
disulf4 disulf ? ? A CYS 46 SG ? ? ? 1_555 A CYS 57 SG ? ? A CYS 46 A CYS 57 1_555 ? ? ? ? ? ? ? 2.051 ? ? 
disulf5 disulf ? ? A CYS 58 SG ? ? ? 1_555 A CYS 63 SG ? ? A CYS 58 A CYS 63 1_555 ? ? ? ? ? ? ? 2.050 ? ? 
# 
_struct_conn_type.id          disulf 
_struct_conn_type.criteria    ? 
_struct_conn_type.reference   ? 
# 
loop_
_pdbx_modification_feature.ordinal 
_pdbx_modification_feature.label_comp_id 
_pdbx_modification_feature.label_asym_id 
_pdbx_modification_feature.label_seq_id 
_pdbx_modification_feature.label_alt_id 
_pdbx_modification_feature.modified_residue_label_comp_id 
_pdbx_modification_feature.modified_residue_label_asym_id 
_pdbx_modification_feature.modified_residue_label_seq_id 
_pdbx_modification_feature.modified_residue_label_alt_id 
_pdbx_modification_feature.auth_comp_id 
_pdbx_modification_feature.auth_asym_id 
_pdbx_modification_feature.auth_seq_id 
_pdbx_modification_feature.PDB_ins_code 
_pdbx_modification_feature.symmetry 
_pdbx_modification_feature.modified_residue_auth_comp_id 
_pdbx_modification_feature.modified_residue_auth_asym_id 
_pdbx_modification_feature.modified_residue_auth_seq_id 
_pdbx_modification_feature.modified_residue_PDB_ins_code 
_pdbx_modification_feature.modified_residue_symmetry 
_pdbx_modification_feature.comp_id_linking_atom 
_pdbx_modification_feature.modified_residue_id_linking_atom 
_pdbx_modification_feature.modified_residue_id 
_pdbx_modification_feature.ref_pcm_id 
_pdbx_modification_feature.ref_comp_id 
_pdbx_modification_feature.type 
_pdbx_modification_feature.category 
1 CYS A 3  ? CYS A 21 ? CYS A 3  ? 1_555 CYS A 21 ? 1_555 SG SG . . . None 'Disulfide bridge' 
2 CYS A 14 ? CYS A 42 ? CYS A 14 ? 1_555 CYS A 42 ? 1_555 SG SG . . . None 'Disulfide bridge' 
3 CYS A 27 ? CYS A 31 ? CYS A 27 ? 1_555 CYS A 31 ? 1_555 SG SG . . . None 'Disulfide bridge' 
4 CYS A 46 ? CYS A 57 ? CYS A 46 ? 1_555 CYS A 57 ? 1_555 SG SG . . . None 'Disulfide bridge' 
5 CYS A 58 ? CYS A 63 ? CYS A 58 ? 1_555 CYS A 63 ? 1_555 SG SG . . . None 'Disulfide bridge' 
# 
_struct_mon_prot_cis.pdbx_id                1 
_struct_mon_prot_cis.label_comp_id          THR 
_struct_mon_prot_cis.label_seq_id           6 
_struct_mon_prot_cis.label_asym_id          A 
_struct_mon_prot_cis.label_alt_id           . 
_struct_mon_prot_cis.pdbx_PDB_ins_code      ? 
_struct_mon_prot_cis.auth_comp_id           THR 
_struct_mon_prot_cis.auth_seq_id            6 
_struct_mon_prot_cis.auth_asym_id           A 
_struct_mon_prot_cis.pdbx_label_comp_id_2   PRO 
_struct_mon_prot_cis.pdbx_label_seq_id_2    7 
_struct_mon_prot_cis.pdbx_label_asym_id_2   A 
_struct_mon_prot_cis.pdbx_PDB_ins_code_2    ? 
_struct_mon_prot_cis.pdbx_auth_comp_id_2    PRO 
_struct_mon_prot_cis.pdbx_auth_seq_id_2     7 
_struct_mon_prot_cis.pdbx_auth_asym_id_2    A 
_struct_mon_prot_cis.pdbx_PDB_model_num     1 
_struct_mon_prot_cis.pdbx_omega_angle       2.12 
# 
loop_
_struct_sheet.id 
_struct_sheet.type 
_struct_sheet.number_strands 
_struct_sheet.details 
S1 ? 2 ? 
S2 ? 3 ? 
# 
loop_
_struct_sheet_order.sheet_id 
_struct_sheet_order.range_id_1 
_struct_sheet_order.range_id_2 
_struct_sheet_order.offset 
_struct_sheet_order.sense 
S1 1 2 ? anti-parallel 
S2 1 2 ? anti-parallel 
S2 2 3 ? anti-parallel 
# 
loop_
_struct_sheet_range.sheet_id 
_struct_sheet_range.id 
_struct_sheet_range.beg_label_comp_id 
_struct_sheet_range.beg_label_asym_id 
_struct_sheet_range.beg_label_seq_id 
_struct_sheet_range.pdbx_beg_PDB_ins_code 
_struct_sheet_range.end_label_comp_id 
_struct_sheet_range.end_label_asym_id 
_struct_sheet_range.end_label_seq_id 
_struct_sheet_range.pdbx_end_PDB_ins_code 
_struct_sheet_range.beg_auth_comp_id 
_struct_sheet_range.beg_auth_asym_id 
_struct_sheet_range.beg_auth_seq_id 
_struct_sheet_range.end_auth_comp_id 
_struct_sheet_range.end_auth_asym_id 
_struct_sheet_range.end_auth_seq_id 
S1 1 THR A 2  ? LYS A 5  ? THR A 2  LYS A 5  
S1 2 THR A 10 ? THR A 13 ? THR A 10 THR A 13 
S2 1 VAL A 37 ? ALA A 43 ? VAL A 37 ALA A 43 
S2 2 LEU A 20 ? TRP A 26 ? LEU A 20 TRP A 26 
S2 3 GLN A 53 ? CYS A 58 ? GLN A 53 CYS A 58 
# 
loop_
_pdbx_struct_sheet_hbond.sheet_id 
_pdbx_struct_sheet_hbond.range_id_1 
_pdbx_struct_sheet_hbond.range_id_2 
_pdbx_struct_sheet_hbond.range_1_label_atom_id 
_pdbx_struct_sheet_hbond.range_1_label_comp_id 
_pdbx_struct_sheet_hbond.range_1_label_asym_id 
_pdbx_struct_sheet_hbond.range_1_label_seq_id 
_pdbx_struct_sheet_hbond.range_1_PDB_ins_code 
_pdbx_struct_sheet_hbond.range_1_auth_atom_id 
_pdbx_struct_sheet_hbond.range_1_auth_comp_id 
_pdbx_struct_sheet_hbond.range_1_auth_asym_id 
_pdbx_struct_sheet_hbond.range_1_auth_seq_id 
_pdbx_struct_sheet_hbond.range_2_label_atom_id 
_pdbx_struct_sheet_hbond.range_2_label_comp_id 
_pdbx_struct_sheet_hbond.range_2_label_asym_id 
_pdbx_struct_sheet_hbond.range_2_label_seq_id 
_pdbx_struct_sheet_hbond.range_2_PDB_ins_code 
_pdbx_struct_sheet_hbond.range_2_auth_atom_id 
_pdbx_struct_sheet_hbond.range_2_auth_comp_id 
_pdbx_struct_sheet_hbond.range_2_auth_asym_id 
_pdbx_struct_sheet_hbond.range_2_auth_seq_id 
S1 1 2 N LYS A 5  ? N LYS A 5  O THR A 10 ? O THR A 10 
S2 1 2 O VAL A 37 ? O VAL A 37 N TRP A 26 ? N TRP A 26 
S2 2 3 O THR A 25 ? O THR A 25 N ASP A 54 ? N ASP A 54 
# 
_pdbx_entry_details.entry_id                   1NTN 
_pdbx_entry_details.compound_details           ? 
_pdbx_entry_details.source_details             ? 
_pdbx_entry_details.nonpolymer_details         ? 
_pdbx_entry_details.sequence_details           ? 
_pdbx_entry_details.has_ligand_of_interest     ? 
_pdbx_entry_details.has_protein_modification   Y 
# 
_pdbx_validate_symm_contact.id                1 
_pdbx_validate_symm_contact.PDB_model_num     1 
_pdbx_validate_symm_contact.auth_atom_id_1    CB 
_pdbx_validate_symm_contact.auth_asym_id_1    A 
_pdbx_validate_symm_contact.auth_comp_id_1    ASP 
_pdbx_validate_symm_contact.auth_seq_id_1     28 
_pdbx_validate_symm_contact.PDB_ins_code_1    ? 
_pdbx_validate_symm_contact.label_alt_id_1    ? 
_pdbx_validate_symm_contact.site_symmetry_1   1_555 
_pdbx_validate_symm_contact.auth_atom_id_2    CG 
_pdbx_validate_symm_contact.auth_asym_id_2    A 
_pdbx_validate_symm_contact.auth_comp_id_2    PRO 
_pdbx_validate_symm_contact.auth_seq_id_2     72 
_pdbx_validate_symm_contact.PDB_ins_code_2    ? 
_pdbx_validate_symm_contact.label_alt_id_2    ? 
_pdbx_validate_symm_contact.site_symmetry_2   1_455 
_pdbx_validate_symm_contact.dist              2.10 
# 
loop_
_pdbx_validate_rmsd_angle.id 
_pdbx_validate_rmsd_angle.PDB_model_num 
_pdbx_validate_rmsd_angle.auth_atom_id_1 
_pdbx_validate_rmsd_angle.auth_asym_id_1 
_pdbx_validate_rmsd_angle.auth_comp_id_1 
_pdbx_validate_rmsd_angle.auth_seq_id_1 
_pdbx_validate_rmsd_angle.PDB_ins_code_1 
_pdbx_validate_rmsd_angle.label_alt_id_1 
_pdbx_validate_rmsd_angle.auth_atom_id_2 
_pdbx_validate_rmsd_angle.auth_asym_id_2 
_pdbx_validate_rmsd_angle.auth_comp_id_2 
_pdbx_validate_rmsd_angle.auth_seq_id_2 
_pdbx_validate_rmsd_angle.PDB_ins_code_2 
_pdbx_validate_rmsd_angle.label_alt_id_2 
_pdbx_validate_rmsd_angle.auth_atom_id_3 
_pdbx_validate_rmsd_angle.auth_asym_id_3 
_pdbx_validate_rmsd_angle.auth_comp_id_3 
_pdbx_validate_rmsd_angle.auth_seq_id_3 
_pdbx_validate_rmsd_angle.PDB_ins_code_3 
_pdbx_validate_rmsd_angle.label_alt_id_3 
_pdbx_validate_rmsd_angle.angle_value 
_pdbx_validate_rmsd_angle.angle_target_value 
_pdbx_validate_rmsd_angle.angle_deviation 
_pdbx_validate_rmsd_angle.angle_standard_deviation 
_pdbx_validate_rmsd_angle.linker_flag 
1  1 CB A TYR 4  ? ? CG A TYR 4  ? ? CD2 A TYR 4  ? ? 116.49 121.00 -4.51  0.60 N 
2  1 N  A THR 6  ? ? CA A THR 6  ? ? CB  A THR 6  ? ? 95.86  110.30 -14.44 1.90 N 
3  1 CA A PRO 7  ? ? C  A PRO 7  ? ? N   A ILE 8  ? ? 133.17 117.20 15.97  2.20 Y 
4  1 N  A ILE 8  ? ? CA A ILE 8  ? ? CB  A ILE 8  ? ? 131.29 110.80 20.49  2.30 N 
5  1 O  A ILE 8  ? ? C  A ILE 8  ? ? N   A ILE 9  ? ? 133.96 122.70 11.26  1.60 Y 
6  1 CA A GLU 12 ? ? CB A GLU 12 ? ? CG  A GLU 12 ? ? 129.97 113.40 16.57  2.20 N 
7  1 CG A GLU 12 ? ? CD A GLU 12 ? ? OE2 A GLU 12 ? ? 131.44 118.30 13.14  2.00 N 
8  1 CD A ARG 34 ? ? NE A ARG 34 ? ? CZ  A ARG 34 ? ? 132.32 123.60 8.72   1.40 N 
9  1 NE A ARG 34 ? ? CZ A ARG 34 ? ? NH1 A ARG 34 ? ? 123.56 120.30 3.26   0.50 N 
10 1 CB A LYS 36 ? ? CG A LYS 36 ? ? CD  A LYS 36 ? ? 132.95 111.60 21.35  2.60 N 
11 1 CG A LYS 36 ? ? CD A LYS 36 ? ? CE  A LYS 36 ? ? 135.56 111.90 23.66  3.00 N 
12 1 CA A ILE 38 ? ? CB A ILE 38 ? ? CG2 A ILE 38 ? ? 123.46 110.90 12.56  2.00 N 
13 1 N  A THR 48 ? ? CA A THR 48 ? ? CB  A THR 48 ? ? 123.91 110.30 13.61  1.90 N 
14 1 CG A GLU 50 ? ? CD A GLU 50 ? ? OE2 A GLU 50 ? ? 130.36 118.30 12.06  2.00 N 
15 1 CB A TYR 52 ? ? CG A TYR 52 ? ? CD2 A TYR 52 ? ? 124.72 121.00 3.72   0.60 N 
16 1 CB A TYR 52 ? ? CG A TYR 52 ? ? CD1 A TYR 52 ? ? 114.22 121.00 -6.78  0.60 N 
17 1 N  A SER 59 ? ? CA A SER 59 ? ? CB  A SER 59 ? ? 100.65 110.50 -9.85  1.50 N 
18 1 O  A THR 60 ? ? C  A THR 60 ? ? N   A ASP 61 ? ? 133.68 122.70 10.98  1.60 Y 
19 1 CB A ASP 61 ? ? CG A ASP 61 ? ? OD1 A ASP 61 ? ? 112.49 118.30 -5.81  0.90 N 
20 1 CB A ASP 61 ? ? CG A ASP 61 ? ? OD2 A ASP 61 ? ? 125.93 118.30 7.63   0.90 N 
21 1 N  A GLN 69 ? ? CA A GLN 69 ? ? C   A GLN 69 ? ? 139.07 111.00 28.07  2.70 N 
# 
loop_
_pdbx_validate_torsion.id 
_pdbx_validate_torsion.PDB_model_num 
_pdbx_validate_torsion.auth_comp_id 
_pdbx_validate_torsion.auth_asym_id 
_pdbx_validate_torsion.auth_seq_id 
_pdbx_validate_torsion.PDB_ins_code 
_pdbx_validate_torsion.label_alt_id 
_pdbx_validate_torsion.phi 
_pdbx_validate_torsion.psi 
1 1 ILE A 9  ? ? -20.66  123.07  
2 1 PRO A 67 ? ? -77.23  21.28   
3 1 GLN A 69 ? ? -53.57  -108.88 
4 1 LYS A 70 ? ? -176.88 115.05  
5 1 ARG A 71 ? ? -177.60 -112.31 
# 
loop_
_chem_comp_atom.comp_id 
_chem_comp_atom.atom_id 
_chem_comp_atom.type_symbol 
_chem_comp_atom.pdbx_aromatic_flag 
_chem_comp_atom.pdbx_stereo_config 
_chem_comp_atom.pdbx_ordinal 
ALA N    N N N 1   
ALA CA   C N S 2   
ALA C    C N N 3   
ALA O    O N N 4   
ALA CB   C N N 5   
ALA OXT  O N N 6   
ALA H    H N N 7   
ALA H2   H N N 8   
ALA HA   H N N 9   
ALA HB1  H N N 10  
ALA HB2  H N N 11  
ALA HB3  H N N 12  
ALA HXT  H N N 13  
ARG N    N N N 14  
ARG CA   C N S 15  
ARG C    C N N 16  
ARG O    O N N 17  
ARG CB   C N N 18  
ARG CG   C N N 19  
ARG CD   C N N 20  
ARG NE   N N N 21  
ARG CZ   C N N 22  
ARG NH1  N N N 23  
ARG NH2  N N N 24  
ARG OXT  O N N 25  
ARG H    H N N 26  
ARG H2   H N N 27  
ARG HA   H N N 28  
ARG HB2  H N N 29  
ARG HB3  H N N 30  
ARG HG2  H N N 31  
ARG HG3  H N N 32  
ARG HD2  H N N 33  
ARG HD3  H N N 34  
ARG HE   H N N 35  
ARG HH11 H N N 36  
ARG HH12 H N N 37  
ARG HH21 H N N 38  
ARG HH22 H N N 39  
ARG HXT  H N N 40  
ASN N    N N N 41  
ASN CA   C N S 42  
ASN C    C N N 43  
ASN O    O N N 44  
ASN CB   C N N 45  
ASN CG   C N N 46  
ASN OD1  O N N 47  
ASN ND2  N N N 48  
ASN OXT  O N N 49  
ASN H    H N N 50  
ASN H2   H N N 51  
ASN HA   H N N 52  
ASN HB2  H N N 53  
ASN HB3  H N N 54  
ASN HD21 H N N 55  
ASN HD22 H N N 56  
ASN HXT  H N N 57  
ASP N    N N N 58  
ASP CA   C N S 59  
ASP C    C N N 60  
ASP O    O N N 61  
ASP CB   C N N 62  
ASP CG   C N N 63  
ASP OD1  O N N 64  
ASP OD2  O N N 65  
ASP OXT  O N N 66  
ASP H    H N N 67  
ASP H2   H N N 68  
ASP HA   H N N 69  
ASP HB2  H N N 70  
ASP HB3  H N N 71  
ASP HD2  H N N 72  
ASP HXT  H N N 73  
CYS N    N N N 74  
CYS CA   C N R 75  
CYS C    C N N 76  
CYS O    O N N 77  
CYS CB   C N N 78  
CYS SG   S N N 79  
CYS OXT  O N N 80  
CYS H    H N N 81  
CYS H2   H N N 82  
CYS HA   H N N 83  
CYS HB2  H N N 84  
CYS HB3  H N N 85  
CYS HG   H N N 86  
CYS HXT  H N N 87  
GLN N    N N N 88  
GLN CA   C N S 89  
GLN C    C N N 90  
GLN O    O N N 91  
GLN CB   C N N 92  
GLN CG   C N N 93  
GLN CD   C N N 94  
GLN OE1  O N N 95  
GLN NE2  N N N 96  
GLN OXT  O N N 97  
GLN H    H N N 98  
GLN H2   H N N 99  
GLN HA   H N N 100 
GLN HB2  H N N 101 
GLN HB3  H N N 102 
GLN HG2  H N N 103 
GLN HG3  H N N 104 
GLN HE21 H N N 105 
GLN HE22 H N N 106 
GLN HXT  H N N 107 
GLU N    N N N 108 
GLU CA   C N S 109 
GLU C    C N N 110 
GLU O    O N N 111 
GLU CB   C N N 112 
GLU CG   C N N 113 
GLU CD   C N N 114 
GLU OE1  O N N 115 
GLU OE2  O N N 116 
GLU OXT  O N N 117 
GLU H    H N N 118 
GLU H2   H N N 119 
GLU HA   H N N 120 
GLU HB2  H N N 121 
GLU HB3  H N N 122 
GLU HG2  H N N 123 
GLU HG3  H N N 124 
GLU HE2  H N N 125 
GLU HXT  H N N 126 
GLY N    N N N 127 
GLY CA   C N N 128 
GLY C    C N N 129 
GLY O    O N N 130 
GLY OXT  O N N 131 
GLY H    H N N 132 
GLY H2   H N N 133 
GLY HA2  H N N 134 
GLY HA3  H N N 135 
GLY HXT  H N N 136 
HIS N    N N N 137 
HIS CA   C N S 138 
HIS C    C N N 139 
HIS O    O N N 140 
HIS CB   C N N 141 
HIS CG   C Y N 142 
HIS ND1  N Y N 143 
HIS CD2  C Y N 144 
HIS CE1  C Y N 145 
HIS NE2  N Y N 146 
HIS OXT  O N N 147 
HIS H    H N N 148 
HIS H2   H N N 149 
HIS HA   H N N 150 
HIS HB2  H N N 151 
HIS HB3  H N N 152 
HIS HD1  H N N 153 
HIS HD2  H N N 154 
HIS HE1  H N N 155 
HIS HE2  H N N 156 
HIS HXT  H N N 157 
HOH O    O N N 158 
HOH H1   H N N 159 
HOH H2   H N N 160 
ILE N    N N N 161 
ILE CA   C N S 162 
ILE C    C N N 163 
ILE O    O N N 164 
ILE CB   C N S 165 
ILE CG1  C N N 166 
ILE CG2  C N N 167 
ILE CD1  C N N 168 
ILE OXT  O N N 169 
ILE H    H N N 170 
ILE H2   H N N 171 
ILE HA   H N N 172 
ILE HB   H N N 173 
ILE HG12 H N N 174 
ILE HG13 H N N 175 
ILE HG21 H N N 176 
ILE HG22 H N N 177 
ILE HG23 H N N 178 
ILE HD11 H N N 179 
ILE HD12 H N N 180 
ILE HD13 H N N 181 
ILE HXT  H N N 182 
LEU N    N N N 183 
LEU CA   C N S 184 
LEU C    C N N 185 
LEU O    O N N 186 
LEU CB   C N N 187 
LEU CG   C N N 188 
LEU CD1  C N N 189 
LEU CD2  C N N 190 
LEU OXT  O N N 191 
LEU H    H N N 192 
LEU H2   H N N 193 
LEU HA   H N N 194 
LEU HB2  H N N 195 
LEU HB3  H N N 196 
LEU HG   H N N 197 
LEU HD11 H N N 198 
LEU HD12 H N N 199 
LEU HD13 H N N 200 
LEU HD21 H N N 201 
LEU HD22 H N N 202 
LEU HD23 H N N 203 
LEU HXT  H N N 204 
LYS N    N N N 205 
LYS CA   C N S 206 
LYS C    C N N 207 
LYS O    O N N 208 
LYS CB   C N N 209 
LYS CG   C N N 210 
LYS CD   C N N 211 
LYS CE   C N N 212 
LYS NZ   N N N 213 
LYS OXT  O N N 214 
LYS H    H N N 215 
LYS H2   H N N 216 
LYS HA   H N N 217 
LYS HB2  H N N 218 
LYS HB3  H N N 219 
LYS HG2  H N N 220 
LYS HG3  H N N 221 
LYS HD2  H N N 222 
LYS HD3  H N N 223 
LYS HE2  H N N 224 
LYS HE3  H N N 225 
LYS HZ1  H N N 226 
LYS HZ2  H N N 227 
LYS HZ3  H N N 228 
LYS HXT  H N N 229 
PRO N    N N N 230 
PRO CA   C N S 231 
PRO C    C N N 232 
PRO O    O N N 233 
PRO CB   C N N 234 
PRO CG   C N N 235 
PRO CD   C N N 236 
PRO OXT  O N N 237 
PRO H    H N N 238 
PRO HA   H N N 239 
PRO HB2  H N N 240 
PRO HB3  H N N 241 
PRO HG2  H N N 242 
PRO HG3  H N N 243 
PRO HD2  H N N 244 
PRO HD3  H N N 245 
PRO HXT  H N N 246 
SER N    N N N 247 
SER CA   C N S 248 
SER C    C N N 249 
SER O    O N N 250 
SER CB   C N N 251 
SER OG   O N N 252 
SER OXT  O N N 253 
SER H    H N N 254 
SER H2   H N N 255 
SER HA   H N N 256 
SER HB2  H N N 257 
SER HB3  H N N 258 
SER HG   H N N 259 
SER HXT  H N N 260 
THR N    N N N 261 
THR CA   C N S 262 
THR C    C N N 263 
THR O    O N N 264 
THR CB   C N R 265 
THR OG1  O N N 266 
THR CG2  C N N 267 
THR OXT  O N N 268 
THR H    H N N 269 
THR H2   H N N 270 
THR HA   H N N 271 
THR HB   H N N 272 
THR HG1  H N N 273 
THR HG21 H N N 274 
THR HG22 H N N 275 
THR HG23 H N N 276 
THR HXT  H N N 277 
TRP N    N N N 278 
TRP CA   C N S 279 
TRP C    C N N 280 
TRP O    O N N 281 
TRP CB   C N N 282 
TRP CG   C Y N 283 
TRP CD1  C Y N 284 
TRP CD2  C Y N 285 
TRP NE1  N Y N 286 
TRP CE2  C Y N 287 
TRP CE3  C Y N 288 
TRP CZ2  C Y N 289 
TRP CZ3  C Y N 290 
TRP CH2  C Y N 291 
TRP OXT  O N N 292 
TRP H    H N N 293 
TRP H2   H N N 294 
TRP HA   H N N 295 
TRP HB2  H N N 296 
TRP HB3  H N N 297 
TRP HD1  H N N 298 
TRP HE1  H N N 299 
TRP HE3  H N N 300 
TRP HZ2  H N N 301 
TRP HZ3  H N N 302 
TRP HH2  H N N 303 
TRP HXT  H N N 304 
TYR N    N N N 305 
TYR CA   C N S 306 
TYR C    C N N 307 
TYR O    O N N 308 
TYR CB   C N N 309 
TYR CG   C Y N 310 
TYR CD1  C Y N 311 
TYR CD2  C Y N 312 
TYR CE1  C Y N 313 
TYR CE2  C Y N 314 
TYR CZ   C Y N 315 
TYR OH   O N N 316 
TYR OXT  O N N 317 
TYR H    H N N 318 
TYR H2   H N N 319 
TYR HA   H N N 320 
TYR HB2  H N N 321 
TYR HB3  H N N 322 
TYR HD1  H N N 323 
TYR HD2  H N N 324 
TYR HE1  H N N 325 
TYR HE2  H N N 326 
TYR HH   H N N 327 
TYR HXT  H N N 328 
VAL N    N N N 329 
VAL CA   C N S 330 
VAL C    C N N 331 
VAL O    O N N 332 
VAL CB   C N N 333 
VAL CG1  C N N 334 
VAL CG2  C N N 335 
VAL OXT  O N N 336 
VAL H    H N N 337 
VAL H2   H N N 338 
VAL HA   H N N 339 
VAL HB   H N N 340 
VAL HG11 H N N 341 
VAL HG12 H N N 342 
VAL HG13 H N N 343 
VAL HG21 H N N 344 
VAL HG22 H N N 345 
VAL HG23 H N N 346 
VAL HXT  H N N 347 
# 
loop_
_chem_comp_bond.comp_id 
_chem_comp_bond.atom_id_1 
_chem_comp_bond.atom_id_2 
_chem_comp_bond.value_order 
_chem_comp_bond.pdbx_aromatic_flag 
_chem_comp_bond.pdbx_stereo_config 
_chem_comp_bond.pdbx_ordinal 
ALA N   CA   sing N N 1   
ALA N   H    sing N N 2   
ALA N   H2   sing N N 3   
ALA CA  C    sing N N 4   
ALA CA  CB   sing N N 5   
ALA CA  HA   sing N N 6   
ALA C   O    doub N N 7   
ALA C   OXT  sing N N 8   
ALA CB  HB1  sing N N 9   
ALA CB  HB2  sing N N 10  
ALA CB  HB3  sing N N 11  
ALA OXT HXT  sing N N 12  
ARG N   CA   sing N N 13  
ARG N   H    sing N N 14  
ARG N   H2   sing N N 15  
ARG CA  C    sing N N 16  
ARG CA  CB   sing N N 17  
ARG CA  HA   sing N N 18  
ARG C   O    doub N N 19  
ARG C   OXT  sing N N 20  
ARG CB  CG   sing N N 21  
ARG CB  HB2  sing N N 22  
ARG CB  HB3  sing N N 23  
ARG CG  CD   sing N N 24  
ARG CG  HG2  sing N N 25  
ARG CG  HG3  sing N N 26  
ARG CD  NE   sing N N 27  
ARG CD  HD2  sing N N 28  
ARG CD  HD3  sing N N 29  
ARG NE  CZ   sing N N 30  
ARG NE  HE   sing N N 31  
ARG CZ  NH1  sing N N 32  
ARG CZ  NH2  doub N N 33  
ARG NH1 HH11 sing N N 34  
ARG NH1 HH12 sing N N 35  
ARG NH2 HH21 sing N N 36  
ARG NH2 HH22 sing N N 37  
ARG OXT HXT  sing N N 38  
ASN N   CA   sing N N 39  
ASN N   H    sing N N 40  
ASN N   H2   sing N N 41  
ASN CA  C    sing N N 42  
ASN CA  CB   sing N N 43  
ASN CA  HA   sing N N 44  
ASN C   O    doub N N 45  
ASN C   OXT  sing N N 46  
ASN CB  CG   sing N N 47  
ASN CB  HB2  sing N N 48  
ASN CB  HB3  sing N N 49  
ASN CG  OD1  doub N N 50  
ASN CG  ND2  sing N N 51  
ASN ND2 HD21 sing N N 52  
ASN ND2 HD22 sing N N 53  
ASN OXT HXT  sing N N 54  
ASP N   CA   sing N N 55  
ASP N   H    sing N N 56  
ASP N   H2   sing N N 57  
ASP CA  C    sing N N 58  
ASP CA  CB   sing N N 59  
ASP CA  HA   sing N N 60  
ASP C   O    doub N N 61  
ASP C   OXT  sing N N 62  
ASP CB  CG   sing N N 63  
ASP CB  HB2  sing N N 64  
ASP CB  HB3  sing N N 65  
ASP CG  OD1  doub N N 66  
ASP CG  OD2  sing N N 67  
ASP OD2 HD2  sing N N 68  
ASP OXT HXT  sing N N 69  
CYS N   CA   sing N N 70  
CYS N   H    sing N N 71  
CYS N   H2   sing N N 72  
CYS CA  C    sing N N 73  
CYS CA  CB   sing N N 74  
CYS CA  HA   sing N N 75  
CYS C   O    doub N N 76  
CYS C   OXT  sing N N 77  
CYS CB  SG   sing N N 78  
CYS CB  HB2  sing N N 79  
CYS CB  HB3  sing N N 80  
CYS SG  HG   sing N N 81  
CYS OXT HXT  sing N N 82  
GLN N   CA   sing N N 83  
GLN N   H    sing N N 84  
GLN N   H2   sing N N 85  
GLN CA  C    sing N N 86  
GLN CA  CB   sing N N 87  
GLN CA  HA   sing N N 88  
GLN C   O    doub N N 89  
GLN C   OXT  sing N N 90  
GLN CB  CG   sing N N 91  
GLN CB  HB2  sing N N 92  
GLN CB  HB3  sing N N 93  
GLN CG  CD   sing N N 94  
GLN CG  HG2  sing N N 95  
GLN CG  HG3  sing N N 96  
GLN CD  OE1  doub N N 97  
GLN CD  NE2  sing N N 98  
GLN NE2 HE21 sing N N 99  
GLN NE2 HE22 sing N N 100 
GLN OXT HXT  sing N N 101 
GLU N   CA   sing N N 102 
GLU N   H    sing N N 103 
GLU N   H2   sing N N 104 
GLU CA  C    sing N N 105 
GLU CA  CB   sing N N 106 
GLU CA  HA   sing N N 107 
GLU C   O    doub N N 108 
GLU C   OXT  sing N N 109 
GLU CB  CG   sing N N 110 
GLU CB  HB2  sing N N 111 
GLU CB  HB3  sing N N 112 
GLU CG  CD   sing N N 113 
GLU CG  HG2  sing N N 114 
GLU CG  HG3  sing N N 115 
GLU CD  OE1  doub N N 116 
GLU CD  OE2  sing N N 117 
GLU OE2 HE2  sing N N 118 
GLU OXT HXT  sing N N 119 
GLY N   CA   sing N N 120 
GLY N   H    sing N N 121 
GLY N   H2   sing N N 122 
GLY CA  C    sing N N 123 
GLY CA  HA2  sing N N 124 
GLY CA  HA3  sing N N 125 
GLY C   O    doub N N 126 
GLY C   OXT  sing N N 127 
GLY OXT HXT  sing N N 128 
HIS N   CA   sing N N 129 
HIS N   H    sing N N 130 
HIS N   H2   sing N N 131 
HIS CA  C    sing N N 132 
HIS CA  CB   sing N N 133 
HIS CA  HA   sing N N 134 
HIS C   O    doub N N 135 
HIS C   OXT  sing N N 136 
HIS CB  CG   sing N N 137 
HIS CB  HB2  sing N N 138 
HIS CB  HB3  sing N N 139 
HIS CG  ND1  sing Y N 140 
HIS CG  CD2  doub Y N 141 
HIS ND1 CE1  doub Y N 142 
HIS ND1 HD1  sing N N 143 
HIS CD2 NE2  sing Y N 144 
HIS CD2 HD2  sing N N 145 
HIS CE1 NE2  sing Y N 146 
HIS CE1 HE1  sing N N 147 
HIS NE2 HE2  sing N N 148 
HIS OXT HXT  sing N N 149 
HOH O   H1   sing N N 150 
HOH O   H2   sing N N 151 
ILE N   CA   sing N N 152 
ILE N   H    sing N N 153 
ILE N   H2   sing N N 154 
ILE CA  C    sing N N 155 
ILE CA  CB   sing N N 156 
ILE CA  HA   sing N N 157 
ILE C   O    doub N N 158 
ILE C   OXT  sing N N 159 
ILE CB  CG1  sing N N 160 
ILE CB  CG2  sing N N 161 
ILE CB  HB   sing N N 162 
ILE CG1 CD1  sing N N 163 
ILE CG1 HG12 sing N N 164 
ILE CG1 HG13 sing N N 165 
ILE CG2 HG21 sing N N 166 
ILE CG2 HG22 sing N N 167 
ILE CG2 HG23 sing N N 168 
ILE CD1 HD11 sing N N 169 
ILE CD1 HD12 sing N N 170 
ILE CD1 HD13 sing N N 171 
ILE OXT HXT  sing N N 172 
LEU N   CA   sing N N 173 
LEU N   H    sing N N 174 
LEU N   H2   sing N N 175 
LEU CA  C    sing N N 176 
LEU CA  CB   sing N N 177 
LEU CA  HA   sing N N 178 
LEU C   O    doub N N 179 
LEU C   OXT  sing N N 180 
LEU CB  CG   sing N N 181 
LEU CB  HB2  sing N N 182 
LEU CB  HB3  sing N N 183 
LEU CG  CD1  sing N N 184 
LEU CG  CD2  sing N N 185 
LEU CG  HG   sing N N 186 
LEU CD1 HD11 sing N N 187 
LEU CD1 HD12 sing N N 188 
LEU CD1 HD13 sing N N 189 
LEU CD2 HD21 sing N N 190 
LEU CD2 HD22 sing N N 191 
LEU CD2 HD23 sing N N 192 
LEU OXT HXT  sing N N 193 
LYS N   CA   sing N N 194 
LYS N   H    sing N N 195 
LYS N   H2   sing N N 196 
LYS CA  C    sing N N 197 
LYS CA  CB   sing N N 198 
LYS CA  HA   sing N N 199 
LYS C   O    doub N N 200 
LYS C   OXT  sing N N 201 
LYS CB  CG   sing N N 202 
LYS CB  HB2  sing N N 203 
LYS CB  HB3  sing N N 204 
LYS CG  CD   sing N N 205 
LYS CG  HG2  sing N N 206 
LYS CG  HG3  sing N N 207 
LYS CD  CE   sing N N 208 
LYS CD  HD2  sing N N 209 
LYS CD  HD3  sing N N 210 
LYS CE  NZ   sing N N 211 
LYS CE  HE2  sing N N 212 
LYS CE  HE3  sing N N 213 
LYS NZ  HZ1  sing N N 214 
LYS NZ  HZ2  sing N N 215 
LYS NZ  HZ3  sing N N 216 
LYS OXT HXT  sing N N 217 
PRO N   CA   sing N N 218 
PRO N   CD   sing N N 219 
PRO N   H    sing N N 220 
PRO CA  C    sing N N 221 
PRO CA  CB   sing N N 222 
PRO CA  HA   sing N N 223 
PRO C   O    doub N N 224 
PRO C   OXT  sing N N 225 
PRO CB  CG   sing N N 226 
PRO CB  HB2  sing N N 227 
PRO CB  HB3  sing N N 228 
PRO CG  CD   sing N N 229 
PRO CG  HG2  sing N N 230 
PRO CG  HG3  sing N N 231 
PRO CD  HD2  sing N N 232 
PRO CD  HD3  sing N N 233 
PRO OXT HXT  sing N N 234 
SER N   CA   sing N N 235 
SER N   H    sing N N 236 
SER N   H2   sing N N 237 
SER CA  C    sing N N 238 
SER CA  CB   sing N N 239 
SER CA  HA   sing N N 240 
SER C   O    doub N N 241 
SER C   OXT  sing N N 242 
SER CB  OG   sing N N 243 
SER CB  HB2  sing N N 244 
SER CB  HB3  sing N N 245 
SER OG  HG   sing N N 246 
SER OXT HXT  sing N N 247 
THR N   CA   sing N N 248 
THR N   H    sing N N 249 
THR N   H2   sing N N 250 
THR CA  C    sing N N 251 
THR CA  CB   sing N N 252 
THR CA  HA   sing N N 253 
THR C   O    doub N N 254 
THR C   OXT  sing N N 255 
THR CB  OG1  sing N N 256 
THR CB  CG2  sing N N 257 
THR CB  HB   sing N N 258 
THR OG1 HG1  sing N N 259 
THR CG2 HG21 sing N N 260 
THR CG2 HG22 sing N N 261 
THR CG2 HG23 sing N N 262 
THR OXT HXT  sing N N 263 
TRP N   CA   sing N N 264 
TRP N   H    sing N N 265 
TRP N   H2   sing N N 266 
TRP CA  C    sing N N 267 
TRP CA  CB   sing N N 268 
TRP CA  HA   sing N N 269 
TRP C   O    doub N N 270 
TRP C   OXT  sing N N 271 
TRP CB  CG   sing N N 272 
TRP CB  HB2  sing N N 273 
TRP CB  HB3  sing N N 274 
TRP CG  CD1  doub Y N 275 
TRP CG  CD2  sing Y N 276 
TRP CD1 NE1  sing Y N 277 
TRP CD1 HD1  sing N N 278 
TRP CD2 CE2  doub Y N 279 
TRP CD2 CE3  sing Y N 280 
TRP NE1 CE2  sing Y N 281 
TRP NE1 HE1  sing N N 282 
TRP CE2 CZ2  sing Y N 283 
TRP CE3 CZ3  doub Y N 284 
TRP CE3 HE3  sing N N 285 
TRP CZ2 CH2  doub Y N 286 
TRP CZ2 HZ2  sing N N 287 
TRP CZ3 CH2  sing Y N 288 
TRP CZ3 HZ3  sing N N 289 
TRP CH2 HH2  sing N N 290 
TRP OXT HXT  sing N N 291 
TYR N   CA   sing N N 292 
TYR N   H    sing N N 293 
TYR N   H2   sing N N 294 
TYR CA  C    sing N N 295 
TYR CA  CB   sing N N 296 
TYR CA  HA   sing N N 297 
TYR C   O    doub N N 298 
TYR C   OXT  sing N N 299 
TYR CB  CG   sing N N 300 
TYR CB  HB2  sing N N 301 
TYR CB  HB3  sing N N 302 
TYR CG  CD1  doub Y N 303 
TYR CG  CD2  sing Y N 304 
TYR CD1 CE1  sing Y N 305 
TYR CD1 HD1  sing N N 306 
TYR CD2 CE2  doub Y N 307 
TYR CD2 HD2  sing N N 308 
TYR CE1 CZ   doub Y N 309 
TYR CE1 HE1  sing N N 310 
TYR CE2 CZ   sing Y N 311 
TYR CE2 HE2  sing N N 312 
TYR CZ  OH   sing N N 313 
TYR OH  HH   sing N N 314 
TYR OXT HXT  sing N N 315 
VAL N   CA   sing N N 316 
VAL N   H    sing N N 317 
VAL N   H2   sing N N 318 
VAL CA  C    sing N N 319 
VAL CA  CB   sing N N 320 
VAL CA  HA   sing N N 321 
VAL C   O    doub N N 322 
VAL C   OXT  sing N N 323 
VAL CB  CG1  sing N N 324 
VAL CB  CG2  sing N N 325 
VAL CB  HB   sing N N 326 
VAL CG1 HG11 sing N N 327 
VAL CG1 HG12 sing N N 328 
VAL CG1 HG13 sing N N 329 
VAL CG2 HG21 sing N N 330 
VAL CG2 HG22 sing N N 331 
VAL CG2 HG23 sing N N 332 
VAL OXT HXT  sing N N 333 
# 
_atom_sites.entry_id                    1NTN 
_atom_sites.fract_transf_matrix[1][1]   0.01519567 
_atom_sites.fract_transf_matrix[1][2]   0.03075837 
_atom_sites.fract_transf_matrix[1][3]   0.02003715 
_atom_sites.fract_transf_matrix[2][1]   -0.00839662 
_atom_sites.fract_transf_matrix[2][2]   -0.00233665 
_atom_sites.fract_transf_matrix[2][3]   0.00995470 
_atom_sites.fract_transf_matrix[3][1]   0.01872674 
_atom_sites.fract_transf_matrix[3][2]   -0.01694975 
_atom_sites.fract_transf_matrix[3][3]   0.01181711 
_atom_sites.fract_transf_vector[1]      1.198592 
_atom_sites.fract_transf_vector[2]      0.116904 
_atom_sites.fract_transf_vector[3]      1.326828 
# 
loop_
_atom_sites_footnote.id 
_atom_sites_footnote.text 
1 'CIS PROLINE - PRO       7'                                                                                                    
2 'RESIDUES 69 - 71 ARE POORLY DEFINED IN THE ELECTRON-DENSITY MAP AND IN REFINEMENT AND MAY BE CORRECTED AT HIGHER RESOLUTION.' 
# 
loop_
_atom_type.symbol 
C 
N 
O 
S 
# 
loop_
_atom_site.group_PDB 
_atom_site.id 
_atom_site.type_symbol 
_atom_site.label_atom_id 
_atom_site.label_alt_id 
_atom_site.label_comp_id 
_atom_site.label_asym_id 
_atom_site.label_entity_id 
_atom_site.label_seq_id 
_atom_site.pdbx_PDB_ins_code 
_atom_site.Cartn_x 
_atom_site.Cartn_y 
_atom_site.Cartn_z 
_atom_site.occupancy 
_atom_site.B_iso_or_equiv 
_atom_site.pdbx_formal_charge 
_atom_site.auth_seq_id 
_atom_site.auth_comp_id 
_atom_site.auth_asym_id 
_atom_site.auth_atom_id 
_atom_site.pdbx_PDB_model_num 
ATOM   1   N N   . ILE A 1 1  ? -6.001  13.224  1.265   1.00 6.50  ? 1   ILE A N   1 
ATOM   2   C CA  . ILE A 1 1  ? -4.713  12.749  1.868   1.00 7.60  ? 1   ILE A CA  1 
ATOM   3   C C   . ILE A 1 1  ? -3.741  12.483  0.704   1.00 7.30  ? 1   ILE A C   1 
ATOM   4   O O   . ILE A 1 1  ? -4.234  12.433  -0.421  1.00 2.60  ? 1   ILE A O   1 
ATOM   5   C CB  . ILE A 1 1  ? -5.121  11.439  2.623   1.00 8.30  ? 1   ILE A CB  1 
ATOM   6   C CG1 . ILE A 1 1  ? -3.938  10.787  3.336   1.00 7.20  ? 1   ILE A CG1 1 
ATOM   7   C CG2 . ILE A 1 1  ? -5.763  10.458  1.593   1.00 6.40  ? 1   ILE A CG2 1 
ATOM   8   C CD1 . ILE A 1 1  ? -4.182  9.631   4.340   1.00 4.90  ? 1   ILE A CD1 1 
ATOM   9   N N   . THR A 1 2  ? -2.437  12.383  0.953   1.00 4.70  ? 2   THR A N   1 
ATOM   10  C CA  . THR A 1 2  ? -1.553  11.989  -0.117  1.00 3.00  ? 2   THR A CA  1 
ATOM   11  C C   . THR A 1 2  ? -1.163  10.532  0.232   1.00 3.30  ? 2   THR A C   1 
ATOM   12  O O   . THR A 1 2  ? -1.064  10.209  1.415   1.00 3.10  ? 2   THR A O   1 
ATOM   13  C CB  . THR A 1 2  ? -0.248  12.809  -0.365  1.00 3.30  ? 2   THR A CB  1 
ATOM   14  O OG1 . THR A 1 2  ? 0.348   12.960  0.972   1.00 9.20  ? 2   THR A OG1 1 
ATOM   15  C CG2 . THR A 1 2  ? -0.619  14.197  -0.879  1.00 5.50  ? 2   THR A CG2 1 
ATOM   16  N N   . CYS A 1 3  ? -0.942  9.720   -0.783  1.00 2.40  ? 3   CYS A N   1 
ATOM   17  C CA  . CYS A 1 3  ? -0.473  8.367   -0.437  1.00 3.60  ? 3   CYS A CA  1 
ATOM   18  C C   . CYS A 1 3  ? 0.596   7.943   -1.467  1.00 2.00  ? 3   CYS A C   1 
ATOM   19  O O   . CYS A 1 3  ? 0.704   8.429   -2.600  1.00 4.60  ? 3   CYS A O   1 
ATOM   20  C CB  . CYS A 1 3  ? -1.649  7.382   -0.511  1.00 4.90  ? 3   CYS A CB  1 
ATOM   21  S SG  . CYS A 1 3  ? -3.076  7.594   0.588   1.00 2.50  ? 3   CYS A SG  1 
ATOM   22  N N   . TYR A 1 4  ? 1.302   6.880   -1.109  1.00 3.50  ? 4   TYR A N   1 
ATOM   23  C CA  . TYR A 1 4  ? 2.304   6.254   -1.992  1.00 3.90  ? 4   TYR A CA  1 
ATOM   24  C C   . TYR A 1 4  ? 1.530   5.295   -2.903  1.00 4.40  ? 4   TYR A C   1 
ATOM   25  O O   . TYR A 1 4  ? 0.509   4.736   -2.528  1.00 3.70  ? 4   TYR A O   1 
ATOM   26  C CB  . TYR A 1 4  ? 3.410   5.524   -1.280  1.00 5.00  ? 4   TYR A CB  1 
ATOM   27  C CG  . TYR A 1 4  ? 4.402   6.527   -0.722  1.00 7.80  ? 4   TYR A CG  1 
ATOM   28  C CD1 . TYR A 1 4  ? 5.291   7.257   -1.515  1.00 8.00  ? 4   TYR A CD1 1 
ATOM   29  C CD2 . TYR A 1 4  ? 4.422   6.676   0.662   1.00 7.40  ? 4   TYR A CD2 1 
ATOM   30  C CE1 . TYR A 1 4  ? 6.219   8.094   -0.857  1.00 7.80  ? 4   TYR A CE1 1 
ATOM   31  C CE2 . TYR A 1 4  ? 5.276   7.549   1.313   1.00 8.70  ? 4   TYR A CE2 1 
ATOM   32  C CZ  . TYR A 1 4  ? 6.213   8.217   0.527   1.00 9.20  ? 4   TYR A CZ  1 
ATOM   33  O OH  . TYR A 1 4  ? 7.074   9.064   1.190   1.00 12.60 ? 4   TYR A OH  1 
ATOM   34  N N   . LYS A 1 5  ? 2.044   5.259   -4.121  1.00 6.30  ? 5   LYS A N   1 
ATOM   35  C CA  . LYS A 1 5  ? 1.358   4.449   -5.140  1.00 11.10 ? 5   LYS A CA  1 
ATOM   36  C C   . LYS A 1 5  ? 2.298   3.584   -5.954  1.00 7.50  ? 5   LYS A C   1 
ATOM   37  O O   . LYS A 1 5  ? 3.297   4.068   -6.489  1.00 8.00  ? 5   LYS A O   1 
ATOM   38  C CB  . LYS A 1 5  ? 0.653   5.425   -6.102  1.00 8.80  ? 5   LYS A CB  1 
ATOM   39  C CG  A LYS A 1 5  ? -0.447  6.165   -5.293  0.50 9.90  ? 5   LYS A CG  1 
ATOM   40  C CG  B LYS A 1 5  ? -0.755  5.777   -5.614  0.50 13.00 ? 5   LYS A CG  1 
ATOM   41  C CD  A LYS A 1 5  ? -1.718  6.117   -6.145  0.50 13.00 ? 5   LYS A CD  1 
ATOM   42  C CD  B LYS A 1 5  ? -1.526  6.681   -6.576  0.50 13.80 ? 5   LYS A CD  1 
ATOM   43  C CE  A LYS A 1 5  ? -2.693  7.254   -6.031  0.50 10.90 ? 5   LYS A CE  1 
ATOM   44  C CE  B LYS A 1 5  ? -2.099  5.966   -7.779  0.50 12.50 ? 5   LYS A CE  1 
ATOM   45  N NZ  A LYS A 1 5  ? -2.117  8.582   -5.750  0.50 11.10 ? 5   LYS A NZ  1 
ATOM   46  N NZ  B LYS A 1 5  ? -3.533  5.640   -7.637  0.50 14.20 ? 5   LYS A NZ  1 
ATOM   47  N N   . THR A 1 6  ? 1.906   2.341   -5.938  1.00 8.90  ? 6   THR A N   1 
ATOM   48  C CA  . THR A 1 6  ? 2.604   1.317   -6.788  1.00 14.20 ? 6   THR A CA  1 
ATOM   49  C C   . THR A 1 6  ? 1.918   1.511   -8.141  1.00 15.80 ? 6   THR A C   1 
ATOM   50  O O   . THR A 1 6  ? 0.806   2.087   -8.168  1.00 17.10 ? 6   THR A O   1 
ATOM   51  C CB  . THR A 1 6  ? 2.315   0.105   -5.848  1.00 17.20 ? 6   THR A CB  1 
ATOM   52  O OG1 . THR A 1 6  ? 3.097   -1.022  -6.257  1.00 23.60 ? 6   THR A OG1 1 
ATOM   53  C CG2 . THR A 1 6  ? 0.843   -0.201  -5.693  1.00 16.20 ? 6   THR A CG2 1 
ATOM   54  N N   . PRO A 1 7  ? 2.441   1.123   -9.288  1.00 18.80 ? 7   PRO A N   1 
ATOM   55  C CA  . PRO A 1 7  ? 3.698   0.426   -9.460  1.00 20.40 ? 7   PRO A CA  1 
ATOM   56  C C   . PRO A 1 7  ? 5.057   1.079   -9.403  1.00 22.60 ? 7   PRO A C   1 
ATOM   57  O O   . PRO A 1 7  ? 5.960   0.181   -9.538  1.00 22.50 ? 7   PRO A O   1 
ATOM   58  C CB  . PRO A 1 7  ? 3.432   -0.408  -10.729 1.00 20.40 ? 7   PRO A CB  1 
ATOM   59  C CG  . PRO A 1 7  ? 2.247   0.164   -11.440 1.00 19.40 ? 7   PRO A CG  1 
ATOM   60  C CD  . PRO A 1 7  ? 1.736   1.307   -10.577 1.00 16.70 ? 7   PRO A CD  1 
ATOM   61  N N   . ILE A 1 8  ? 5.450   2.317   -9.238  1.00 20.90 ? 8   ILE A N   1 
ATOM   62  C CA  . ILE A 1 8  ? 6.898   2.704   -9.153  1.00 27.40 ? 8   ILE A CA  1 
ATOM   63  C C   . ILE A 1 8  ? 6.818   4.007   -8.312  1.00 24.90 ? 8   ILE A C   1 
ATOM   64  O O   . ILE A 1 8  ? 6.577   5.062   -8.876  1.00 23.10 ? 8   ILE A O   1 
ATOM   65  C CB  . ILE A 1 8  ? 7.960   2.966   -10.264 1.00 23.20 ? 8   ILE A CB  1 
ATOM   66  C CG1 . ILE A 1 8  ? 8.965   4.022   -9.724  1.00 23.20 ? 8   ILE A CG1 1 
ATOM   67  C CG2 . ILE A 1 8  ? 7.374   3.328   -11.643 1.00 24.70 ? 8   ILE A CG2 1 
ATOM   68  C CD1 . ILE A 1 8  ? 9.151   5.264   -10.648 1.00 23.00 ? 8   ILE A CD1 1 
ATOM   69  N N   . ILE A 1 9  ? 6.959   3.657   -7.056  1.00 25.00 ? 9   ILE A N   1 
ATOM   70  C CA  . ILE A 1 9  ? 6.702   4.575   -5.966  1.00 23.80 ? 9   ILE A CA  1 
ATOM   71  C C   . ILE A 1 9  ? 6.742   6.037   -6.333  1.00 21.40 ? 9   ILE A C   1 
ATOM   72  O O   . ILE A 1 9  ? 7.671   6.593   -6.883  1.00 21.50 ? 9   ILE A O   1 
ATOM   73  C CB  . ILE A 1 9  ? 7.247   4.098   -4.581  1.00 23.10 ? 9   ILE A CB  1 
ATOM   74  C CG1 . ILE A 1 9  ? 7.332   2.544   -4.652  1.00 23.70 ? 9   ILE A CG1 1 
ATOM   75  C CG2 . ILE A 1 9  ? 6.293   4.560   -3.455  1.00 20.50 ? 9   ILE A CG2 1 
ATOM   76  C CD1 . ILE A 1 9  ? 6.021   1.921   -5.242  1.00 25.00 ? 9   ILE A CD1 1 
ATOM   77  N N   . THR A 1 10 ? 5.599   6.632   -6.025  1.00 20.80 ? 10  THR A N   1 
ATOM   78  C CA  . THR A 1 10 ? 5.310   8.065   -6.185  1.00 17.50 ? 10  THR A CA  1 
ATOM   79  C C   . THR A 1 10 ? 4.266   8.336   -5.083  1.00 17.00 ? 10  THR A C   1 
ATOM   80  O O   . THR A 1 10 ? 3.671   7.359   -4.643  1.00 12.00 ? 10  THR A O   1 
ATOM   81  C CB  . THR A 1 10 ? 4.750   8.561   -7.565  1.00 19.60 ? 10  THR A CB  1 
ATOM   82  O OG1 . THR A 1 10 ? 3.680   7.631   -7.938  1.00 18.90 ? 10  THR A OG1 1 
ATOM   83  C CG2 . THR A 1 10 ? 5.850   8.718   -8.621  1.00 20.70 ? 10  THR A CG2 1 
ATOM   84  N N   . SER A 1 11 ? 4.135   9.571   -4.708  1.00 12.20 ? 11  SER A N   1 
ATOM   85  C CA  . SER A 1 11 ? 3.195   10.051  -3.714  1.00 13.10 ? 11  SER A CA  1 
ATOM   86  C C   . SER A 1 11 ? 2.210   10.994  -4.438  1.00 14.10 ? 11  SER A C   1 
ATOM   87  O O   . SER A 1 11 ? 2.748   11.956  -5.006  1.00 15.00 ? 11  SER A O   1 
ATOM   88  C CB  . SER A 1 11 ? 3.948   10.842  -2.632  1.00 11.50 ? 11  SER A CB  1 
ATOM   89  O OG  . SER A 1 11 ? 2.877   11.353  -1.838  1.00 11.80 ? 11  SER A OG  1 
ATOM   90  N N   . GLU A 1 12 ? 0.928   10.684  -4.402  1.00 11.40 ? 12  GLU A N   1 
ATOM   91  C CA  . GLU A 1 12 ? -0.058  11.481  -5.135  1.00 15.30 ? 12  GLU A CA  1 
ATOM   92  C C   . GLU A 1 12 ? -1.283  11.779  -4.278  1.00 11.00 ? 12  GLU A C   1 
ATOM   93  O O   . GLU A 1 12 ? -1.613  10.986  -3.384  1.00 6.40  ? 12  GLU A O   1 
ATOM   94  C CB  . GLU A 1 12 ? -0.611  10.649  -6.297  1.00 16.20 ? 12  GLU A CB  1 
ATOM   95  C CG  . GLU A 1 12 ? -0.302  10.719  -7.777  1.00 21.40 ? 12  GLU A CG  1 
ATOM   96  C CD  . GLU A 1 12 ? -1.458  10.304  -8.655  1.00 24.70 ? 12  GLU A CD  1 
ATOM   97  O OE1 . GLU A 1 12 ? -1.422  9.049   -8.732  1.00 27.10 ? 12  GLU A OE1 1 
ATOM   98  O OE2 . GLU A 1 12 ? -2.345  10.961  -9.197  1.00 25.90 ? 12  GLU A OE2 1 
ATOM   99  N N   . THR A 1 13 ? -1.989  12.834  -4.646  1.00 9.60  ? 13  THR A N   1 
ATOM   100 C CA  . THR A 1 13 ? -3.238  13.122  -3.906  1.00 14.10 ? 13  THR A CA  1 
ATOM   101 C C   . THR A 1 13 ? -4.318  12.120  -4.285  1.00 11.40 ? 13  THR A C   1 
ATOM   102 O O   . THR A 1 13 ? -4.417  11.839  -5.499  1.00 14.70 ? 13  THR A O   1 
ATOM   103 C CB  . THR A 1 13 ? -3.777  14.577  -4.203  1.00 12.70 ? 13  THR A CB  1 
ATOM   104 O OG1 . THR A 1 13 ? -2.589  15.366  -3.934  1.00 14.50 ? 13  THR A OG1 1 
ATOM   105 C CG2 . THR A 1 13 ? -4.991  14.971  -3.359  1.00 14.70 ? 13  THR A CG2 1 
ATOM   106 N N   . CYS A 1 14 ? -5.067  11.699  -3.294  1.00 13.50 ? 14  CYS A N   1 
ATOM   107 C CA  . CYS A 1 14 ? -6.173  10.731  -3.557  1.00 9.00  ? 14  CYS A CA  1 
ATOM   108 C C   . CYS A 1 14 ? -7.375  11.602  -3.963  1.00 15.40 ? 14  CYS A C   1 
ATOM   109 O O   . CYS A 1 14 ? -7.382  12.814  -3.631  1.00 12.80 ? 14  CYS A O   1 
ATOM   110 C CB  . CYS A 1 14 ? -6.522  9.834   -2.398  1.00 4.60  ? 14  CYS A CB  1 
ATOM   111 S SG  . CYS A 1 14 ? -5.074  9.007   -1.664  1.00 7.40  ? 14  CYS A SG  1 
ATOM   112 N N   . ALA A 1 15 ? -8.300  10.942  -4.660  1.00 14.00 ? 15  ALA A N   1 
ATOM   113 C CA  . ALA A 1 15 ? -9.468  11.752  -5.126  1.00 11.00 ? 15  ALA A CA  1 
ATOM   114 C C   . ALA A 1 15 ? -10.250 12.166  -3.919  1.00 13.70 ? 15  ALA A C   1 
ATOM   115 O O   . ALA A 1 15 ? -10.150 11.465  -2.899  1.00 16.40 ? 15  ALA A O   1 
ATOM   116 C CB  . ALA A 1 15 ? -10.338 10.829  -5.972  1.00 17.50 ? 15  ALA A CB  1 
ATOM   117 N N   . PRO A 1 16 ? -11.064 13.197  -4.029  1.00 17.40 ? 16  PRO A N   1 
ATOM   118 C CA  . PRO A 1 16 ? -11.889 13.577  -2.872  1.00 13.20 ? 16  PRO A CA  1 
ATOM   119 C C   . PRO A 1 16 ? -12.735 12.378  -2.471  1.00 11.40 ? 16  PRO A C   1 
ATOM   120 O O   . PRO A 1 16 ? -13.264 11.614  -3.317  1.00 11.90 ? 16  PRO A O   1 
ATOM   121 C CB  . PRO A 1 16 ? -12.661 14.823  -3.287  1.00 17.10 ? 16  PRO A CB  1 
ATOM   122 C CG  . PRO A 1 16 ? -12.401 14.979  -4.750  1.00 20.20 ? 16  PRO A CG  1 
ATOM   123 C CD  . PRO A 1 16 ? -11.234 14.091  -5.186  1.00 17.10 ? 16  PRO A CD  1 
ATOM   124 N N   . GLY A 1 17 ? -12.877 12.178  -1.163  1.00 7.70  ? 17  GLY A N   1 
ATOM   125 C CA  . GLY A 1 17 ? -13.709 11.023  -0.752  1.00 9.10  ? 17  GLY A CA  1 
ATOM   126 C C   . GLY A 1 17 ? -12.781 9.924   -0.263  1.00 8.90  ? 17  GLY A C   1 
ATOM   127 O O   . GLY A 1 17 ? -13.118 9.272   0.738   1.00 12.60 ? 17  GLY A O   1 
ATOM   128 N N   . GLN A 1 18 ? -11.618 9.859   -0.832  1.00 7.40  ? 18  GLN A N   1 
ATOM   129 C CA  . GLN A 1 18 ? -10.663 8.848   -0.306  1.00 10.30 ? 18  GLN A CA  1 
ATOM   130 C C   . GLN A 1 18 ? -9.832  9.537   0.793   1.00 9.10  ? 18  GLN A C   1 
ATOM   131 O O   . GLN A 1 18 ? -8.992  10.359  0.408   1.00 9.50  ? 18  GLN A O   1 
ATOM   132 C CB  . GLN A 1 18 ? -9.629  8.376   -1.347  1.00 10.10 ? 18  GLN A CB  1 
ATOM   133 C CG  . GLN A 1 18 ? -10.284 8.305   -2.693  1.00 12.50 ? 18  GLN A CG  1 
ATOM   134 C CD  . GLN A 1 18 ? -9.691  7.304   -3.638  1.00 11.00 ? 18  GLN A CD  1 
ATOM   135 O OE1 . GLN A 1 18 ? -8.606  7.410   -4.163  1.00 10.60 ? 18  GLN A OE1 1 
ATOM   136 N NE2 . GLN A 1 18 ? -10.559 6.298   -3.787  1.00 20.10 ? 18  GLN A NE2 1 
ATOM   137 N N   . ASN A 1 19 ? -9.910  9.062   2.003   1.00 8.00  ? 19  ASN A N   1 
ATOM   138 C CA  . ASN A 1 19 ? -9.201  9.608   3.163   1.00 9.30  ? 19  ASN A CA  1 
ATOM   139 C C   . ASN A 1 19 ? -8.351  8.554   3.849   1.00 8.50  ? 19  ASN A C   1 
ATOM   140 O O   . ASN A 1 19 ? -7.963  8.766   5.002   1.00 9.80  ? 19  ASN A O   1 
ATOM   141 C CB  . ASN A 1 19 ? -10.261 10.294  4.029   1.00 10.30 ? 19  ASN A CB  1 
ATOM   142 C CG  . ASN A 1 19 ? -10.867 11.416  3.154   1.00 12.30 ? 19  ASN A CG  1 
ATOM   143 O OD1 . ASN A 1 19 ? -10.169 12.207  2.514   1.00 16.30 ? 19  ASN A OD1 1 
ATOM   144 N ND2 . ASN A 1 19 ? -12.174 11.580  3.000   1.00 13.00 ? 19  ASN A ND2 1 
ATOM   145 N N   . LEU A 1 20 ? -7.953  7.504   3.148   1.00 2.90  ? 20  LEU A N   1 
ATOM   146 C CA  . LEU A 1 20 ? -7.036  6.498   3.672   1.00 2.00  ? 20  LEU A CA  1 
ATOM   147 C C   . LEU A 1 20 ? -6.045  6.071   2.573   1.00 2.00  ? 20  LEU A C   1 
ATOM   148 O O   . LEU A 1 20 ? -6.145  6.235   1.341   1.00 5.40  ? 20  LEU A O   1 
ATOM   149 C CB  . LEU A 1 20 ? -7.803  5.244   4.072   1.00 2.00  ? 20  LEU A CB  1 
ATOM   150 C CG  . LEU A 1 20 ? -9.003  5.233   5.012   1.00 2.60  ? 20  LEU A CG  1 
ATOM   151 C CD1 . LEU A 1 20 ? -9.831  3.973   4.992   1.00 2.60  ? 20  LEU A CD1 1 
ATOM   152 C CD2 . LEU A 1 20 ? -8.346  5.376   6.371   1.00 6.30  ? 20  LEU A CD2 1 
ATOM   153 N N   . CYS A 1 21 ? -4.963  5.500   3.049   1.00 2.00  ? 21  CYS A N   1 
ATOM   154 C CA  . CYS A 1 21 ? -3.840  4.854   2.360   1.00 2.00  ? 21  CYS A CA  1 
ATOM   155 C C   . CYS A 1 21 ? -3.865  3.384   2.818   1.00 2.00  ? 21  CYS A C   1 
ATOM   156 O O   . CYS A 1 21 ? -4.265  3.144   3.961   1.00 2.40  ? 21  CYS A O   1 
ATOM   157 C CB  . CYS A 1 21 ? -2.476  5.442   2.777   1.00 4.00  ? 21  CYS A CB  1 
ATOM   158 S SG  . CYS A 1 21 ? -2.189  7.194   2.410   1.00 5.40  ? 21  CYS A SG  1 
ATOM   159 N N   . TYR A 1 22 ? -3.404  2.533   1.922   1.00 2.00  ? 22  TYR A N   1 
ATOM   160 C CA  . TYR A 1 22 ? -3.321  1.106   2.223   1.00 2.60  ? 22  TYR A CA  1 
ATOM   161 C C   . TYR A 1 22 ? -2.027  0.516   1.650   1.00 2.00  ? 22  TYR A C   1 
ATOM   162 O O   . TYR A 1 22 ? -1.526  0.985   0.626   1.00 2.00  ? 22  TYR A O   1 
ATOM   163 C CB  . TYR A 1 22 ? -4.491  0.274   1.652   1.00 2.00  ? 22  TYR A CB  1 
ATOM   164 C CG  . TYR A 1 22 ? -4.517  0.122   0.140   1.00 3.80  ? 22  TYR A CG  1 
ATOM   165 C CD1 . TYR A 1 22 ? -3.688  -0.828  -0.483  1.00 2.20  ? 22  TYR A CD1 1 
ATOM   166 C CD2 . TYR A 1 22 ? -5.296  0.942   -0.704  1.00 2.00  ? 22  TYR A CD2 1 
ATOM   167 C CE1 . TYR A 1 22 ? -3.678  -0.996  -1.869  1.00 4.70  ? 22  TYR A CE1 1 
ATOM   168 C CE2 . TYR A 1 22 ? -5.282  0.792   -2.086  1.00 2.00  ? 22  TYR A CE2 1 
ATOM   169 C CZ  . TYR A 1 22 ? -4.489  -0.174  -2.664  1.00 4.90  ? 22  TYR A CZ  1 
ATOM   170 O OH  . TYR A 1 22 ? -4.458  -0.393  -4.035  1.00 6.90  ? 22  TYR A OH  1 
ATOM   171 N N   . THR A 1 23 ? -1.572  -0.508  2.312   1.00 2.00  ? 23  THR A N   1 
ATOM   172 C CA  . THR A 1 23 ? -0.517  -1.429  2.074   1.00 2.00  ? 23  THR A CA  1 
ATOM   173 C C   . THR A 1 23 ? -1.153  -2.845  2.024   1.00 2.00  ? 23  THR A C   1 
ATOM   174 O O   . THR A 1 23 ? -1.769  -3.230  3.029   1.00 2.00  ? 23  THR A O   1 
ATOM   175 C CB  . THR A 1 23 ? 0.635   -1.537  3.169   1.00 4.30  ? 23  THR A CB  1 
ATOM   176 O OG1 . THR A 1 23 ? 1.119   -0.141  3.199   1.00 5.10  ? 23  THR A OG1 1 
ATOM   177 C CG2 . THR A 1 23 ? 1.698   -2.562  2.815   1.00 4.60  ? 23  THR A CG2 1 
ATOM   178 N N   . LYS A 1 24 ? -0.979  -3.410  0.819   1.00 4.50  ? 24  LYS A N   1 
ATOM   179 C CA  . LYS A 1 24 ? -1.611  -4.777  0.717   1.00 5.70  ? 24  LYS A CA  1 
ATOM   180 C C   . LYS A 1 24 ? -0.557  -5.769  0.319   1.00 3.30  ? 24  LYS A C   1 
ATOM   181 O O   . LYS A 1 24 ? 0.207   -5.432  -0.612  1.00 8.50  ? 24  LYS A O   1 
ATOM   182 C CB  . LYS A 1 24 ? -2.712  -4.655  -0.325  1.00 7.80  ? 24  LYS A CB  1 
ATOM   183 C CG  . LYS A 1 24 ? -2.942  -5.912  -1.135  1.00 8.80  ? 24  LYS A CG  1 
ATOM   184 C CD  . LYS A 1 24 ? -4.373  -6.359  -1.109  1.00 8.00  ? 24  LYS A CD  1 
ATOM   185 C CE  . LYS A 1 24 ? -5.202  -6.161  -2.340  1.00 9.80  ? 24  LYS A CE  1 
ATOM   186 N NZ  . LYS A 1 24 ? -5.954  -7.451  -2.589  1.00 7.90  ? 24  LYS A NZ  1 
ATOM   187 N N   . THR A 1 25 ? -0.487  -6.904  1.006   1.00 5.30  ? 25  THR A N   1 
ATOM   188 C CA  . THR A 1 25 ? 0.593   -7.843  0.620   1.00 8.70  ? 25  THR A CA  1 
ATOM   189 C C   . THR A 1 25 ? -0.002  -9.240  0.495   1.00 8.60  ? 25  THR A C   1 
ATOM   190 O O   . THR A 1 25 ? -1.122  -9.612  0.854   1.00 9.60  ? 25  THR A O   1 
ATOM   191 C CB  . THR A 1 25 ? 1.782   -7.812  1.661   1.00 9.10  ? 25  THR A CB  1 
ATOM   192 O OG1 . THR A 1 25 ? 1.079   -8.167  2.902   1.00 13.20 ? 25  THR A OG1 1 
ATOM   193 C CG2 . THR A 1 25 ? 2.552   -6.527  1.804   1.00 8.90  ? 25  THR A CG2 1 
ATOM   194 N N   . TRP A 1 26 ? 0.851   -10.052 -0.091  1.00 9.20  ? 26  TRP A N   1 
ATOM   195 C CA  . TRP A 1 26 ? 0.451   -11.466 -0.246  1.00 10.90 ? 26  TRP A CA  1 
ATOM   196 C C   . TRP A 1 26 ? 1.684   -12.151 -0.790  1.00 12.80 ? 26  TRP A C   1 
ATOM   197 O O   . TRP A 1 26 ? 2.513   -11.507 -1.435  1.00 10.60 ? 26  TRP A O   1 
ATOM   198 C CB  . TRP A 1 26 ? -0.756  -11.503 -1.137  1.00 12.90 ? 26  TRP A CB  1 
ATOM   199 C CG  . TRP A 1 26 ? -0.634  -11.218 -2.585  1.00 10.90 ? 26  TRP A CG  1 
ATOM   200 C CD1 . TRP A 1 26 ? -0.314  -12.103 -3.588  1.00 11.30 ? 26  TRP A CD1 1 
ATOM   201 C CD2 . TRP A 1 26 ? -0.912  -9.952  -3.208  1.00 11.90 ? 26  TRP A CD2 1 
ATOM   202 N NE1 . TRP A 1 26 ? -0.338  -11.434 -4.794  1.00 15.20 ? 26  TRP A NE1 1 
ATOM   203 C CE2 . TRP A 1 26 ? -0.749  -10.131 -4.587  1.00 15.00 ? 26  TRP A CE2 1 
ATOM   204 C CE3 . TRP A 1 26 ? -1.306  -8.704  -2.710  1.00 16.10 ? 26  TRP A CE3 1 
ATOM   205 C CZ2 . TRP A 1 26 ? -0.940  -9.087  -5.475  1.00 15.70 ? 26  TRP A CZ2 1 
ATOM   206 C CZ3 . TRP A 1 26 ? -1.506  -7.656  -3.589  1.00 13.20 ? 26  TRP A CZ3 1 
ATOM   207 C CH2 . TRP A 1 26 ? -1.329  -7.866  -4.934  1.00 15.50 ? 26  TRP A CH2 1 
ATOM   208 N N   . CYS A 1 27 ? 1.730   -13.441 -0.487  1.00 17.20 ? 27  CYS A N   1 
ATOM   209 C CA  . CYS A 1 27 ? 2.845   -14.240 -1.055  1.00 20.90 ? 27  CYS A CA  1 
ATOM   210 C C   . CYS A 1 27 ? 2.417   -14.540 -2.499  1.00 22.40 ? 27  CYS A C   1 
ATOM   211 O O   . CYS A 1 27 ? 1.310   -14.236 -2.974  1.00 23.80 ? 27  CYS A O   1 
ATOM   212 C CB  . CYS A 1 27 ? 3.048   -15.502 -0.238  1.00 18.60 ? 27  CYS A CB  1 
ATOM   213 S SG  . CYS A 1 27 ? 4.431   -15.270 0.899   1.00 24.60 ? 27  CYS A SG  1 
ATOM   214 N N   . ASP A 1 28 ? 3.324   -15.149 -3.200  1.00 21.40 ? 28  ASP A N   1 
ATOM   215 C CA  . ASP A 1 28 ? 3.413   -15.634 -4.564  1.00 25.50 ? 28  ASP A CA  1 
ATOM   216 C C   . ASP A 1 28 ? 4.212   -16.957 -4.594  1.00 22.10 ? 28  ASP A C   1 
ATOM   217 O O   . ASP A 1 28 ? 4.794   -17.294 -3.557  1.00 22.50 ? 28  ASP A O   1 
ATOM   218 C CB  . ASP A 1 28 ? 4.132   -14.586 -5.410  1.00 25.40 ? 28  ASP A CB  1 
ATOM   219 C CG  . ASP A 1 28 ? 3.177   -13.913 -6.363  1.00 29.80 ? 28  ASP A CG  1 
ATOM   220 O OD1 . ASP A 1 28 ? 2.228   -13.245 -5.894  1.00 33.00 ? 28  ASP A OD1 1 
ATOM   221 O OD2 . ASP A 1 28 ? 3.408   -14.037 -7.576  1.00 31.60 ? 28  ASP A OD2 1 
ATOM   222 N N   . ALA A 1 29 ? 4.245   -17.609 -5.744  1.00 25.10 ? 29  ALA A N   1 
ATOM   223 C CA  . ALA A 1 29 ? 4.931   -18.895 -5.944  1.00 22.80 ? 29  ALA A CA  1 
ATOM   224 C C   . ALA A 1 29 ? 6.445   -18.752 -5.849  1.00 26.20 ? 29  ALA A C   1 
ATOM   225 O O   . ALA A 1 29 ? 7.249   -19.705 -5.809  1.00 23.70 ? 29  ALA A O   1 
ATOM   226 C CB  . ALA A 1 29 ? 4.555   -19.432 -7.316  1.00 26.70 ? 29  ALA A CB  1 
ATOM   227 N N   . TRP A 1 30 ? 6.806   -17.478 -5.792  1.00 29.10 ? 30  TRP A N   1 
ATOM   228 C CA  . TRP A 1 30 ? 8.233   -17.075 -5.703  1.00 29.00 ? 30  TRP A CA  1 
ATOM   229 C C   . TRP A 1 30 ? 8.460   -16.351 -4.376  1.00 27.70 ? 30  TRP A C   1 
ATOM   230 O O   . TRP A 1 30 ? 9.475   -15.647 -4.247  1.00 29.30 ? 30  TRP A O   1 
ATOM   231 C CB  . TRP A 1 30 ? 8.496   -16.236 -6.940  1.00 30.30 ? 30  TRP A CB  1 
ATOM   232 C CG  . TRP A 1 30 ? 8.731   -16.896 -8.255  1.00 33.70 ? 30  TRP A CG  1 
ATOM   233 C CD1 . TRP A 1 30 ? 9.909   -17.501 -8.628  1.00 32.60 ? 30  TRP A CD1 1 
ATOM   234 C CD2 . TRP A 1 30 ? 7.854   -16.992 -9.393  1.00 31.50 ? 30  TRP A CD2 1 
ATOM   235 N NE1 . TRP A 1 30 ? 9.808   -17.946 -9.926  1.00 33.20 ? 30  TRP A NE1 1 
ATOM   236 C CE2 . TRP A 1 30 ? 8.570   -17.662 -10.415 1.00 33.60 ? 30  TRP A CE2 1 
ATOM   237 C CE3 . TRP A 1 30 ? 6.559   -16.574 -9.663  1.00 33.80 ? 30  TRP A CE3 1 
ATOM   238 C CZ2 . TRP A 1 30 ? 8.030   -17.913 -11.676 1.00 33.60 ? 30  TRP A CZ2 1 
ATOM   239 C CZ3 . TRP A 1 30 ? 6.014   -16.822 -10.920 1.00 31.50 ? 30  TRP A CZ3 1 
ATOM   240 C CH2 . TRP A 1 30 ? 6.724   -17.481 -11.918 1.00 32.80 ? 30  TRP A CH2 1 
ATOM   241 N N   . CYS A 1 31 ? 7.549   -16.517 -3.429  1.00 22.90 ? 31  CYS A N   1 
ATOM   242 C CA  . CYS A 1 31 ? 7.663   -15.846 -2.133  1.00 24.30 ? 31  CYS A CA  1 
ATOM   243 C C   . CYS A 1 31 ? 8.893   -16.085 -1.269  1.00 22.30 ? 31  CYS A C   1 
ATOM   244 O O   . CYS A 1 31 ? 9.304   -15.189 -0.504  1.00 26.00 ? 31  CYS A O   1 
ATOM   245 C CB  . CYS A 1 31 ? 6.377   -16.105 -1.323  1.00 23.80 ? 31  CYS A CB  1 
ATOM   246 S SG  . CYS A 1 31 ? 5.885   -14.608 -0.416  1.00 21.40 ? 31  CYS A SG  1 
ATOM   247 N N   . GLY A 1 32 ? 9.462   -17.266 -1.294  1.00 25.10 ? 32  GLY A N   1 
ATOM   248 C CA  . GLY A 1 32 ? 10.628  -17.652 -0.479  1.00 27.70 ? 32  GLY A CA  1 
ATOM   249 C C   . GLY A 1 32 ? 11.940  -17.083 -1.025  1.00 29.70 ? 32  GLY A C   1 
ATOM   250 O O   . GLY A 1 32 ? 12.872  -16.818 -0.235  1.00 31.20 ? 32  GLY A O   1 
ATOM   251 N N   . SER A 1 33 ? 12.006  -16.907 -2.336  1.00 28.20 ? 33  SER A N   1 
ATOM   252 C CA  . SER A 1 33 ? 13.170  -16.310 -3.000  1.00 29.20 ? 33  SER A CA  1 
ATOM   253 C C   . SER A 1 33 ? 12.968  -14.786 -3.054  1.00 29.60 ? 33  SER A C   1 
ATOM   254 O O   . SER A 1 33 ? 13.793  -13.983 -2.561  1.00 31.60 ? 33  SER A O   1 
ATOM   255 C CB  . SER A 1 33 ? 13.439  -16.912 -4.357  1.00 29.60 ? 33  SER A CB  1 
ATOM   256 O OG  . SER A 1 33 ? 12.276  -17.271 -5.065  1.00 28.60 ? 33  SER A OG  1 
ATOM   257 N N   . ARG A 1 34 ? 11.833  -14.404 -3.632  1.00 26.60 ? 34  ARG A N   1 
ATOM   258 C CA  . ARG A 1 34 ? 11.512  -12.976 -3.819  1.00 25.00 ? 34  ARG A CA  1 
ATOM   259 C C   . ARG A 1 34 ? 10.821  -12.176 -2.747  1.00 24.90 ? 34  ARG A C   1 
ATOM   260 O O   . ARG A 1 34 ? 11.044  -10.943 -2.802  1.00 26.00 ? 34  ARG A O   1 
ATOM   261 C CB  . ARG A 1 34 ? 10.859  -12.822 -5.203  1.00 24.80 ? 34  ARG A CB  1 
ATOM   262 C CG  . ARG A 1 34 ? 11.721  -13.467 -6.309  1.00 27.50 ? 34  ARG A CG  1 
ATOM   263 C CD  . ARG A 1 34 ? 11.026  -13.359 -7.643  1.00 30.80 ? 34  ARG A CD  1 
ATOM   264 N NE  . ARG A 1 34 ? 11.145  -11.998 -8.131  1.00 29.70 ? 34  ARG A NE  1 
ATOM   265 C CZ  . ARG A 1 34 ? 10.354  -11.248 -8.874  1.00 34.10 ? 34  ARG A CZ  1 
ATOM   266 N NH1 . ARG A 1 34 ? 9.203   -11.681 -9.396  1.00 32.60 ? 34  ARG A NH1 1 
ATOM   267 N NH2 . ARG A 1 34 ? 10.687  -9.959  -9.045  1.00 31.80 ? 34  ARG A NH2 1 
ATOM   268 N N   . GLY A 1 35 ? 10.102  -12.724 -1.786  1.00 24.60 ? 35  GLY A N   1 
ATOM   269 C CA  . GLY A 1 35 ? 9.456   -11.928 -0.715  1.00 20.10 ? 35  GLY A CA  1 
ATOM   270 C C   . GLY A 1 35 ? 8.009   -11.669 -1.132  1.00 18.60 ? 35  GLY A C   1 
ATOM   271 O O   . GLY A 1 35 ? 7.715   -12.031 -2.285  1.00 14.80 ? 35  GLY A O   1 
ATOM   272 N N   . LYS A 1 36 ? 7.240   -11.012 -0.278  1.00 13.70 ? 36  LYS A N   1 
ATOM   273 C CA  . LYS A 1 36 ? 5.801   -10.815 -0.561  1.00 13.70 ? 36  LYS A CA  1 
ATOM   274 C C   . LYS A 1 36 ? 5.642   -9.827  -1.706  1.00 12.70 ? 36  LYS A C   1 
ATOM   275 O O   . LYS A 1 36 ? 6.628   -9.177  -2.108  1.00 11.10 ? 36  LYS A O   1 
ATOM   276 C CB  . LYS A 1 36 ? 4.920   -10.452 0.626   1.00 10.40 ? 36  LYS A CB  1 
ATOM   277 C CG  . LYS A 1 36 ? 4.919   -11.180 1.944   1.00 12.30 ? 36  LYS A CG  1 
ATOM   278 C CD  . LYS A 1 36 ? 3.846   -11.739 2.778   1.00 14.80 ? 36  LYS A CD  1 
ATOM   279 C CE  . LYS A 1 36 ? 2.854   -11.192 3.733   1.00 17.00 ? 36  LYS A CE  1 
ATOM   280 N NZ  . LYS A 1 36 ? 1.377   -11.130 3.474   1.00 12.70 ? 36  LYS A NZ  1 
ATOM   281 N N   . VAL A 1 37 ? 4.452   -9.791  -2.289  1.00 10.50 ? 37  VAL A N   1 
ATOM   282 C CA  . VAL A 1 37 ? 4.271   -8.778  -3.361  1.00 9.50  ? 37  VAL A CA  1 
ATOM   283 C C   . VAL A 1 37 ? 3.608   -7.653  -2.529  1.00 7.80  ? 37  VAL A C   1 
ATOM   284 O O   . VAL A 1 37 ? 2.920   -8.081  -1.574  1.00 9.10  ? 37  VAL A O   1 
ATOM   285 C CB  . VAL A 1 37 ? 3.469   -9.295  -4.541  1.00 11.30 ? 37  VAL A CB  1 
ATOM   286 C CG1 . VAL A 1 37 ? 3.179   -10.781 -4.517  1.00 15.40 ? 37  VAL A CG1 1 
ATOM   287 C CG2 . VAL A 1 37 ? 2.172   -8.533  -4.716  1.00 11.10 ? 37  VAL A CG2 1 
ATOM   288 N N   . ILE A 1 38 ? 3.803   -6.394  -2.805  1.00 7.70  ? 38  ILE A N   1 
ATOM   289 C CA  . ILE A 1 38 ? 3.187   -5.351  -1.953  1.00 6.40  ? 38  ILE A CA  1 
ATOM   290 C C   . ILE A 1 38 ? 2.472   -4.398  -2.916  1.00 7.70  ? 38  ILE A C   1 
ATOM   291 O O   . ILE A 1 38 ? 2.991   -4.213  -4.036  1.00 11.30 ? 38  ILE A O   1 
ATOM   292 C CB  . ILE A 1 38 ? 4.185   -4.648  -0.970  1.00 9.70  ? 38  ILE A CB  1 
ATOM   293 C CG1 . ILE A 1 38 ? 4.979   -3.502  -1.607  1.00 13.50 ? 38  ILE A CG1 1 
ATOM   294 C CG2 . ILE A 1 38 ? 5.268   -5.421  -0.135  1.00 8.50  ? 38  ILE A CG2 1 
ATOM   295 C CD1 . ILE A 1 38 ? 5.250   -3.631  -3.120  1.00 18.10 ? 38  ILE A CD1 1 
ATOM   296 N N   . GLU A 1 39 ? 1.324   -3.908  -2.557  1.00 6.00  ? 39  GLU A N   1 
ATOM   297 C CA  . GLU A 1 39 ? 0.511   -2.949  -3.316  1.00 5.50  ? 39  GLU A CA  1 
ATOM   298 C C   . GLU A 1 39 ? 0.154   -1.762  -2.391  1.00 3.70  ? 39  GLU A C   1 
ATOM   299 O O   . GLU A 1 39 ? -0.228  -2.049  -1.261  1.00 2.00  ? 39  GLU A O   1 
ATOM   300 C CB  . GLU A 1 39 ? -0.783  -3.459  -3.884  1.00 4.50  ? 39  GLU A CB  1 
ATOM   301 C CG  . GLU A 1 39 ? -1.678  -2.505  -4.674  1.00 10.00 ? 39  GLU A CG  1 
ATOM   302 C CD  . GLU A 1 39 ? -3.057  -3.086  -4.869  1.00 15.30 ? 39  GLU A CD  1 
ATOM   303 O OE1 . GLU A 1 39 ? -2.963  -4.333  -5.044  1.00 19.90 ? 39  GLU A OE1 1 
ATOM   304 O OE2 . GLU A 1 39 ? -4.138  -2.537  -4.871  1.00 17.20 ? 39  GLU A OE2 1 
ATOM   305 N N   . LEU A 1 40 ? 0.310   -0.557  -2.944  1.00 4.30  ? 40  LEU A N   1 
ATOM   306 C CA  . LEU A 1 40 ? 0.060   0.677   -2.189  1.00 3.50  ? 40  LEU A CA  1 
ATOM   307 C C   . LEU A 1 40 ? -0.885  1.602   -2.950  1.00 2.00  ? 40  LEU A C   1 
ATOM   308 O O   . LEU A 1 40 ? -0.706  1.655   -4.158  1.00 2.00  ? 40  LEU A O   1 
ATOM   309 C CB  . LEU A 1 40 ? 1.405   1.464   -2.077  1.00 3.70  ? 40  LEU A CB  1 
ATOM   310 C CG  . LEU A 1 40 ? 2.516   0.656   -1.447  1.00 3.60  ? 40  LEU A CG  1 
ATOM   311 C CD1 . LEU A 1 40 ? 3.834   1.416   -1.389  1.00 2.90  ? 40  LEU A CD1 1 
ATOM   312 C CD2 . LEU A 1 40 ? 2.181   0.152   -0.038  1.00 2.60  ? 40  LEU A CD2 1 
ATOM   313 N N   . GLY A 1 41 ? -1.794  2.278   -2.256  1.00 4.10  ? 41  GLY A N   1 
ATOM   314 C CA  . GLY A 1 41 ? -2.664  3.194   -3.026  1.00 2.00  ? 41  GLY A CA  1 
ATOM   315 C C   . GLY A 1 41 ? -3.574  3.927   -2.022  1.00 3.10  ? 41  GLY A C   1 
ATOM   316 O O   . GLY A 1 41 ? -3.380  3.873   -0.820  1.00 2.00  ? 41  GLY A O   1 
ATOM   317 N N   . CYS A 1 42 ? -4.538  4.570   -2.617  1.00 2.00  ? 42  CYS A N   1 
ATOM   318 C CA  . CYS A 1 42 ? -5.544  5.377   -1.917  1.00 7.30  ? 42  CYS A CA  1 
ATOM   319 C C   . CYS A 1 42 ? -6.791  4.535   -1.634  1.00 8.00  ? 42  CYS A C   1 
ATOM   320 O O   . CYS A 1 42 ? -6.932  3.619   -2.471  1.00 10.30 ? 42  CYS A O   1 
ATOM   321 C CB  . CYS A 1 42 ? -5.907  6.463   -2.928  1.00 4.60  ? 42  CYS A CB  1 
ATOM   322 S SG  . CYS A 1 42 ? -4.617  7.713   -3.110  1.00 7.40  ? 42  CYS A SG  1 
ATOM   323 N N   . ALA A 1 43 ? -7.584  4.810   -0.623  1.00 6.40  ? 43  ALA A N   1 
ATOM   324 C CA  . ALA A 1 43 ? -8.842  4.021   -0.468  1.00 4.70  ? 43  ALA A CA  1 
ATOM   325 C C   . ALA A 1 43 ? -9.878  4.887   0.238   1.00 7.10  ? 43  ALA A C   1 
ATOM   326 O O   . ALA A 1 43 ? -9.493  5.759   1.045   1.00 4.40  ? 43  ALA A O   1 
ATOM   327 C CB  . ALA A 1 43 ? -8.619  2.626   0.079   1.00 7.40  ? 43  ALA A CB  1 
ATOM   328 N N   . ALA A 1 44 ? -11.164 4.720   -0.031  1.00 8.50  ? 44  ALA A N   1 
ATOM   329 C CA  . ALA A 1 44 ? -12.240 5.467   0.673   1.00 5.40  ? 44  ALA A CA  1 
ATOM   330 C C   . ALA A 1 44 ? -12.598 4.747   1.971   1.00 7.80  ? 44  ALA A C   1 
ATOM   331 O O   . ALA A 1 44 ? -12.867 5.364   3.034   1.00 11.90 ? 44  ALA A O   1 
ATOM   332 C CB  . ALA A 1 44 ? -13.493 5.629   -0.164  1.00 8.90  ? 44  ALA A CB  1 
ATOM   333 N N   . THR A 1 45 ? -12.581 3.446   1.976   1.00 6.40  ? 45  THR A N   1 
ATOM   334 C CA  . THR A 1 45 ? -12.807 2.523   3.093   1.00 7.10  ? 45  THR A CA  1 
ATOM   335 C C   . THR A 1 45 ? -11.761 1.413   3.000   1.00 4.40  ? 45  THR A C   1 
ATOM   336 O O   . THR A 1 45 ? -11.379 1.071   1.865   1.00 7.80  ? 45  THR A O   1 
ATOM   337 C CB  . THR A 1 45 ? -14.278 1.991   3.223   1.00 12.90 ? 45  THR A CB  1 
ATOM   338 O OG1 . THR A 1 45 ? -14.155 0.549   3.162   1.00 14.60 ? 45  THR A OG1 1 
ATOM   339 C CG2 . THR A 1 45 ? -15.225 2.476   2.108   1.00 16.90 ? 45  THR A CG2 1 
ATOM   340 N N   . CYS A 1 46 ? -11.213 0.904   4.071   1.00 4.70  ? 46  CYS A N   1 
ATOM   341 C CA  . CYS A 1 46 ? -10.130 -0.109  3.935   1.00 3.80  ? 46  CYS A CA  1 
ATOM   342 C C   . CYS A 1 46 ? -10.617 -1.289  3.103   1.00 7.30  ? 46  CYS A C   1 
ATOM   343 O O   . CYS A 1 46 ? -11.681 -1.828  3.489   1.00 8.90  ? 46  CYS A O   1 
ATOM   344 C CB  . CYS A 1 46 ? -9.708  -0.399  5.374   1.00 4.50  ? 46  CYS A CB  1 
ATOM   345 S SG  . CYS A 1 46 ? -8.066  -1.145  5.450   1.00 6.50  ? 46  CYS A SG  1 
ATOM   346 N N   . PRO A 1 47 ? -9.880  -1.649  2.052   1.00 8.10  ? 47  PRO A N   1 
ATOM   347 C CA  . PRO A 1 47 ? -10.208 -2.734  1.107   1.00 7.70  ? 47  PRO A CA  1 
ATOM   348 C C   . PRO A 1 47 ? -10.371 -4.087  1.775   1.00 9.90  ? 47  PRO A C   1 
ATOM   349 O O   . PRO A 1 47 ? -9.533  -4.363  2.658   1.00 2.50  ? 47  PRO A O   1 
ATOM   350 C CB  . PRO A 1 47 ? -8.969  -2.790  0.203   1.00 11.00 ? 47  PRO A CB  1 
ATOM   351 C CG  . PRO A 1 47 ? -8.468  -1.368  0.171   1.00 11.20 ? 47  PRO A CG  1 
ATOM   352 C CD  . PRO A 1 47 ? -8.650  -0.958  1.636   1.00 6.70  ? 47  PRO A CD  1 
ATOM   353 N N   . THR A 1 48 ? -11.408 -4.876  1.403   1.00 10.60 ? 48  THR A N   1 
ATOM   354 C CA  . THR A 1 48 ? -11.465 -6.207  2.108   1.00 12.50 ? 48  THR A CA  1 
ATOM   355 C C   . THR A 1 48 ? -10.520 -7.024  1.203   1.00 9.50  ? 48  THR A C   1 
ATOM   356 O O   . THR A 1 48 ? -10.362 -6.677  0.022   1.00 9.80  ? 48  THR A O   1 
ATOM   357 C CB  . THR A 1 48 ? -12.789 -6.910  2.529   1.00 15.50 ? 48  THR A CB  1 
ATOM   358 O OG1 . THR A 1 48 ? -13.721 -6.935  1.394   1.00 20.80 ? 48  THR A OG1 1 
ATOM   359 C CG2 . THR A 1 48 ? -13.547 -6.259  3.697   1.00 16.40 ? 48  THR A CG2 1 
ATOM   360 N N   . VAL A 1 49 ? -9.833  -7.974  1.786   1.00 8.60  ? 49  VAL A N   1 
ATOM   361 C CA  . VAL A 1 49 ? -8.905  -8.804  1.006   1.00 7.30  ? 49  VAL A CA  1 
ATOM   362 C C   . VAL A 1 49 ? -9.287  -10.278 1.137   1.00 7.20  ? 49  VAL A C   1 
ATOM   363 O O   . VAL A 1 49 ? -10.190 -10.709 1.883   1.00 7.50  ? 49  VAL A O   1 
ATOM   364 C CB  . VAL A 1 49 ? -7.435  -8.465  1.338   1.00 8.80  ? 49  VAL A CB  1 
ATOM   365 C CG1 . VAL A 1 49 ? -6.989  -7.034  1.033   1.00 7.10  ? 49  VAL A CG1 1 
ATOM   366 C CG2 . VAL A 1 49 ? -7.181  -8.743  2.803   1.00 9.10  ? 49  VAL A CG2 1 
ATOM   367 N N   . GLU A 1 50 ? -8.557  -11.127 0.442   1.00 2.00  ? 50  GLU A N   1 
ATOM   368 C CA  . GLU A 1 50 ? -8.825  -12.576 0.452   1.00 3.30  ? 50  GLU A CA  1 
ATOM   369 C C   . GLU A 1 50 ? -8.055  -13.098 1.675   1.00 8.50  ? 50  GLU A C   1 
ATOM   370 O O   . GLU A 1 50 ? -7.167  -12.409 2.165   1.00 5.30  ? 50  GLU A O   1 
ATOM   371 C CB  . GLU A 1 50 ? -8.342  -13.334 -0.770  1.00 4.30  ? 50  GLU A CB  1 
ATOM   372 C CG  . GLU A 1 50 ? -9.000  -13.046 -2.127  1.00 3.80  ? 50  GLU A CG  1 
ATOM   373 C CD  . GLU A 1 50 ? -10.494 -12.933 -2.265  1.00 6.30  ? 50  GLU A CD  1 
ATOM   374 O OE1 . GLU A 1 50 ? -11.035 -13.744 -1.512  1.00 14.10 ? 50  GLU A OE1 1 
ATOM   375 O OE2 . GLU A 1 50 ? -11.187 -12.169 -2.974  1.00 9.70  ? 50  GLU A OE2 1 
ATOM   376 N N   . SER A 1 51 ? -8.485  -14.287 2.074   1.00 5.90  ? 51  SER A N   1 
ATOM   377 C CA  . SER A 1 51 ? -7.862  -14.947 3.240   1.00 11.70 ? 51  SER A CA  1 
ATOM   378 C C   . SER A 1 51 ? -6.369  -15.038 3.021   1.00 10.90 ? 51  SER A C   1 
ATOM   379 O O   . SER A 1 51 ? -5.674  -14.834 4.034   1.00 13.10 ? 51  SER A O   1 
ATOM   380 C CB  . SER A 1 51 ? -8.596  -16.247 3.462   1.00 16.70 ? 51  SER A CB  1 
ATOM   381 O OG  . SER A 1 51 ? -7.690  -17.271 3.738   1.00 22.00 ? 51  SER A OG  1 
ATOM   382 N N   . TYR A 1 52 ? -5.829  -15.266 1.837   1.00 11.20 ? 52  TYR A N   1 
ATOM   383 C CA  . TYR A 1 52 ? -4.358  -15.323 1.688   1.00 11.70 ? 52  TYR A CA  1 
ATOM   384 C C   . TYR A 1 52 ? -3.685  -13.959 1.520   1.00 12.80 ? 52  TYR A C   1 
ATOM   385 O O   . TYR A 1 52 ? -2.453  -13.853 1.286   1.00 14.50 ? 52  TYR A O   1 
ATOM   386 C CB  . TYR A 1 52 ? -3.790  -16.236 0.576   1.00 11.60 ? 52  TYR A CB  1 
ATOM   387 C CG  . TYR A 1 52 ? -4.158  -15.692 -0.780  1.00 18.40 ? 52  TYR A CG  1 
ATOM   388 C CD1 . TYR A 1 52 ? -5.485  -15.891 -1.131  1.00 19.90 ? 52  TYR A CD1 1 
ATOM   389 C CD2 . TYR A 1 52 ? -3.302  -14.955 -1.601  1.00 19.60 ? 52  TYR A CD2 1 
ATOM   390 C CE1 . TYR A 1 52 ? -5.967  -15.430 -2.349  1.00 21.60 ? 52  TYR A CE1 1 
ATOM   391 C CE2 . TYR A 1 52 ? -3.781  -14.463 -2.824  1.00 26.10 ? 52  TYR A CE2 1 
ATOM   392 C CZ  . TYR A 1 52 ? -5.116  -14.719 -3.161  1.00 23.30 ? 52  TYR A CZ  1 
ATOM   393 O OH  . TYR A 1 52 ? -5.681  -14.287 -4.328  1.00 27.80 ? 52  TYR A OH  1 
ATOM   394 N N   . GLN A 1 53 ? -4.454  -12.902 1.719   1.00 10.60 ? 53  GLN A N   1 
ATOM   395 C CA  . GLN A 1 53 ? -3.792  -11.564 1.600   1.00 7.50  ? 53  GLN A CA  1 
ATOM   396 C C   . GLN A 1 53 ? -3.819  -10.826 2.926   1.00 8.50  ? 53  GLN A C   1 
ATOM   397 O O   . GLN A 1 53 ? -4.669  -11.048 3.834   1.00 6.90  ? 53  GLN A O   1 
ATOM   398 C CB  . GLN A 1 53 ? -4.641  -10.866 0.509   1.00 5.10  ? 53  GLN A CB  1 
ATOM   399 C CG  . GLN A 1 53 ? -4.285  -11.157 -0.938  1.00 4.30  ? 53  GLN A CG  1 
ATOM   400 C CD  . GLN A 1 53 ? -5.278  -10.713 -1.971  1.00 8.30  ? 53  GLN A CD  1 
ATOM   401 O OE1 . GLN A 1 53 ? -5.239  -10.765 -3.215  1.00 9.30  ? 53  GLN A OE1 1 
ATOM   402 N NE2 . GLN A 1 53 ? -6.413  -10.170 -1.499  1.00 2.70  ? 53  GLN A NE2 1 
ATOM   403 N N   . ASP A 1 54 ? -2.955  -9.813  3.106   1.00 9.20  ? 54  ASP A N   1 
ATOM   404 C CA  . ASP A 1 54 ? -2.949  -8.994  4.329   1.00 8.40  ? 54  ASP A CA  1 
ATOM   405 C C   . ASP A 1 54 ? -3.106  -7.500  3.961   1.00 4.80  ? 54  ASP A C   1 
ATOM   406 O O   . ASP A 1 54 ? -2.562  -7.119  2.931   1.00 4.00  ? 54  ASP A O   1 
ATOM   407 C CB  . ASP A 1 54 ? -1.606  -9.092  5.070   1.00 9.70  ? 54  ASP A CB  1 
ATOM   408 C CG  . ASP A 1 54 ? -1.466  -10.381 5.845   1.00 17.30 ? 54  ASP A CG  1 
ATOM   409 O OD1 . ASP A 1 54 ? -2.401  -10.696 6.584   1.00 18.20 ? 54  ASP A OD1 1 
ATOM   410 O OD2 . ASP A 1 54 ? -0.432  -11.073 5.725   1.00 23.10 ? 54  ASP A OD2 1 
ATOM   411 N N   . ILE A 1 55 ? -3.742  -6.743  4.800   1.00 3.30  ? 55  ILE A N   1 
ATOM   412 C CA  . ILE A 1 55 ? -3.905  -5.296  4.466   1.00 2.00  ? 55  ILE A CA  1 
ATOM   413 C C   . ILE A 1 55 ? -3.826  -4.481  5.752   1.00 3.50  ? 55  ILE A C   1 
ATOM   414 O O   . ILE A 1 55 ? -4.218  -5.070  6.769   1.00 4.80  ? 55  ILE A O   1 
ATOM   415 C CB  . ILE A 1 55 ? -5.295  -5.069  3.802   1.00 2.50  ? 55  ILE A CB  1 
ATOM   416 C CG1 . ILE A 1 55 ? -5.370  -3.606  3.260   1.00 2.90  ? 55  ILE A CG1 1 
ATOM   417 C CG2 . ILE A 1 55 ? -6.425  -5.267  4.797   1.00 3.80  ? 55  ILE A CG2 1 
ATOM   418 C CD1 . ILE A 1 55 ? -5.956  -3.571  1.824   1.00 4.90  ? 55  ILE A CD1 1 
ATOM   419 N N   . LYS A 1 56 ? -3.364  -3.250  5.593   1.00 2.00  ? 56  LYS A N   1 
ATOM   420 C CA  . LYS A 1 56 ? -3.171  -2.351  6.719   1.00 3.00  ? 56  LYS A CA  1 
ATOM   421 C C   . LYS A 1 56 ? -3.412  -0.962  6.129   1.00 2.00  ? 56  LYS A C   1 
ATOM   422 O O   . LYS A 1 56 ? -2.761  -0.491  5.196   1.00 2.00  ? 56  LYS A O   1 
ATOM   423 C CB  . LYS A 1 56 ? -1.739  -2.433  7.291   1.00 2.90  ? 56  LYS A CB  1 
ATOM   424 C CG  . LYS A 1 56 ? -1.564  -1.642  8.613   1.00 12.60 ? 56  LYS A CG  1 
ATOM   425 C CD  . LYS A 1 56 ? -1.202  -2.484  9.824   1.00 13.90 ? 56  LYS A CD  1 
ATOM   426 C CE  . LYS A 1 56 ? -1.197  -1.873  11.207  1.00 15.20 ? 56  LYS A CE  1 
ATOM   427 N NZ  . LYS A 1 56 ? -2.406  -2.121  12.044  1.00 15.70 ? 56  LYS A NZ  1 
ATOM   428 N N   . CYS A 1 57 ? -4.404  -0.310  6.708   1.00 4.90  ? 57  CYS A N   1 
ATOM   429 C CA  . CYS A 1 57 ? -4.758  1.038   6.259   1.00 4.80  ? 57  CYS A CA  1 
ATOM   430 C C   . CYS A 1 57 ? -4.268  2.130   7.243   1.00 6.10  ? 57  CYS A C   1 
ATOM   431 O O   . CYS A 1 57 ? -4.076  1.772   8.415   1.00 4.10  ? 57  CYS A O   1 
ATOM   432 C CB  . CYS A 1 57 ? -6.306  1.130   6.176   1.00 7.30  ? 57  CYS A CB  1 
ATOM   433 S SG  . CYS A 1 57 ? -6.765  0.220   4.641   1.00 5.60  ? 57  CYS A SG  1 
ATOM   434 N N   . CYS A 1 58 ? -4.076  3.310   6.690   1.00 2.00  ? 58  CYS A N   1 
ATOM   435 C CA  . CYS A 1 58 ? -3.688  4.433   7.549   1.00 4.60  ? 58  CYS A CA  1 
ATOM   436 C C   . CYS A 1 58 ? -4.359  5.710   7.062   1.00 5.30  ? 58  CYS A C   1 
ATOM   437 O O   . CYS A 1 58 ? -4.886  5.721   5.963   1.00 7.40  ? 58  CYS A O   1 
ATOM   438 C CB  . CYS A 1 58 ? -2.190  4.510   7.650   1.00 6.60  ? 58  CYS A CB  1 
ATOM   439 S SG  . CYS A 1 58 ? -1.239  4.591   6.126   1.00 4.60  ? 58  CYS A SG  1 
ATOM   440 N N   . SER A 1 59 ? -4.261  6.760   7.889   1.00 3.30  ? 59  SER A N   1 
ATOM   441 C CA  . SER A 1 59 ? -4.972  7.989   7.577   1.00 2.70  ? 59  SER A CA  1 
ATOM   442 C C   . SER A 1 59 ? -4.249  9.309   7.636   1.00 6.00  ? 59  SER A C   1 
ATOM   443 O O   . SER A 1 59 ? -4.898  10.359  7.854   1.00 7.40  ? 59  SER A O   1 
ATOM   444 C CB  . SER A 1 59 ? -6.090  7.957   8.662   1.00 9.20  ? 59  SER A CB  1 
ATOM   445 O OG  . SER A 1 59 ? -5.516  7.934   9.967   1.00 8.40  ? 59  SER A OG  1 
ATOM   446 N N   . THR A 1 60 ? -2.948  9.274   7.479   1.00 4.80  ? 60  THR A N   1 
ATOM   447 C CA  . THR A 1 60 ? -2.108  10.494  7.529   1.00 9.70  ? 60  THR A CA  1 
ATOM   448 C C   . THR A 1 60 ? -1.338  10.553  6.236   1.00 7.80  ? 60  THR A C   1 
ATOM   449 O O   . THR A 1 60 ? -1.081  9.386   5.894   1.00 5.10  ? 60  THR A O   1 
ATOM   450 C CB  . THR A 1 60 ? -1.233  10.517  8.845   1.00 5.30  ? 60  THR A CB  1 
ATOM   451 O OG1 . THR A 1 60 ? -0.327  9.365   8.877   1.00 8.10  ? 60  THR A OG1 1 
ATOM   452 C CG2 . THR A 1 60 ? -2.221  10.431  10.000  1.00 4.50  ? 60  THR A CG2 1 
ATOM   453 N N   . ASP A 1 61 ? -1.103  11.726  5.700   1.00 4.10  ? 61  ASP A N   1 
ATOM   454 C CA  . ASP A 1 61 ? -0.350  11.850  4.435   1.00 2.00  ? 61  ASP A CA  1 
ATOM   455 C C   . ASP A 1 61 ? 0.917   11.027  4.349   1.00 5.40  ? 61  ASP A C   1 
ATOM   456 O O   . ASP A 1 61 ? 1.768   11.048  5.266   1.00 3.80  ? 61  ASP A O   1 
ATOM   457 C CB  . ASP A 1 61 ? 0.097   13.319  4.352   1.00 6.50  ? 61  ASP A CB  1 
ATOM   458 C CG  . ASP A 1 61 ? -1.098  14.181  4.069   1.00 11.20 ? 61  ASP A CG  1 
ATOM   459 O OD1 . ASP A 1 61 ? -1.958  13.593  3.378   1.00 14.30 ? 61  ASP A OD1 1 
ATOM   460 O OD2 . ASP A 1 61 ? -1.285  15.331  4.497   1.00 18.40 ? 61  ASP A OD2 1 
ATOM   461 N N   . ASN A 1 62 ? 1.134   10.369  3.237   1.00 4.10  ? 62  ASN A N   1 
ATOM   462 C CA  . ASN A 1 62 ? 2.248   9.496   2.900   1.00 5.70  ? 62  ASN A CA  1 
ATOM   463 C C   . ASN A 1 62 ? 2.524   8.448   3.993   1.00 5.70  ? 62  ASN A C   1 
ATOM   464 O O   . ASN A 1 62 ? 3.720   8.150   4.177   1.00 2.90  ? 62  ASN A O   1 
ATOM   465 C CB  . ASN A 1 62 ? 3.511   10.294  2.561   1.00 6.60  ? 62  ASN A CB  1 
ATOM   466 C CG  . ASN A 1 62 ? 3.272   11.103  1.291   1.00 11.90 ? 62  ASN A CG  1 
ATOM   467 O OD1 . ASN A 1 62 ? 4.161   11.884  0.919   1.00 17.30 ? 62  ASN A OD1 1 
ATOM   468 N ND2 . ASN A 1 62 ? 2.153   10.959  0.614   1.00 9.90  ? 62  ASN A ND2 1 
ATOM   469 N N   . CYS A 1 63 ? 1.482   7.978   4.641   1.00 7.90  ? 63  CYS A N   1 
ATOM   470 C CA  . CYS A 1 63 ? 1.675   7.002   5.736   1.00 3.60  ? 63  CYS A CA  1 
ATOM   471 C C   . CYS A 1 63 ? 1.994   5.557   5.326   1.00 7.00  ? 63  CYS A C   1 
ATOM   472 O O   . CYS A 1 63 ? 2.157   4.714   6.245   1.00 2.00  ? 63  CYS A O   1 
ATOM   473 C CB  . CYS A 1 63 ? 0.473   6.955   6.661   1.00 2.00  ? 63  CYS A CB  1 
ATOM   474 S SG  . CYS A 1 63 ? -1.098  6.612   5.818   1.00 2.90  ? 63  CYS A SG  1 
ATOM   475 N N   . ASN A 1 64 ? 2.035   5.258   4.054   1.00 4.70  ? 64  ASN A N   1 
ATOM   476 C CA  . ASN A 1 64 ? 2.239   3.904   3.565   1.00 5.90  ? 64  ASN A CA  1 
ATOM   477 C C   . ASN A 1 64 ? 3.450   3.817   2.673   1.00 6.90  ? 64  ASN A C   1 
ATOM   478 O O   . ASN A 1 64 ? 3.237   3.469   1.499   1.00 4.90  ? 64  ASN A O   1 
ATOM   479 C CB  . ASN A 1 64 ? 0.966   3.439   2.781   1.00 4.80  ? 64  ASN A CB  1 
ATOM   480 C CG  . ASN A 1 64 ? 0.752   4.247   1.505   1.00 3.20  ? 64  ASN A CG  1 
ATOM   481 O OD1 . ASN A 1 64 ? 0.974   5.469   1.537   1.00 6.80  ? 64  ASN A OD1 1 
ATOM   482 N ND2 . ASN A 1 64 ? 0.311   3.669   0.381   1.00 2.60  ? 64  ASN A ND2 1 
ATOM   483 N N   . PRO A 1 65 ? 4.640   4.074   3.174   1.00 6.70  ? 65  PRO A N   1 
ATOM   484 C CA  . PRO A 1 65 ? 5.793   4.003   2.267   1.00 7.70  ? 65  PRO A CA  1 
ATOM   485 C C   . PRO A 1 65 ? 6.170   2.586   1.901   1.00 9.20  ? 65  PRO A C   1 
ATOM   486 O O   . PRO A 1 65 ? 5.709   1.637   2.535   1.00 7.00  ? 65  PRO A O   1 
ATOM   487 C CB  . PRO A 1 65 ? 6.834   4.799   3.099   1.00 8.70  ? 65  PRO A CB  1 
ATOM   488 C CG  . PRO A 1 65 ? 6.478   4.413   4.514   1.00 8.20  ? 65  PRO A CG  1 
ATOM   489 C CD  . PRO A 1 65 ? 4.937   4.493   4.547   1.00 3.60  ? 65  PRO A CD  1 
ATOM   490 N N   . HIS A 1 66 ? 6.922   2.412   0.846   1.00 9.40  ? 66  HIS A N   1 
ATOM   491 C CA  . HIS A 1 66 ? 7.398   1.052   0.417   1.00 17.20 ? 66  HIS A CA  1 
ATOM   492 C C   . HIS A 1 66 ? 8.450   0.803   1.489   1.00 19.70 ? 66  HIS A C   1 
ATOM   493 O O   . HIS A 1 66 ? 9.074   1.803   1.911   1.00 18.60 ? 66  HIS A O   1 
ATOM   494 C CB  . HIS A 1 66 ? 8.007   1.089   -1.018  1.00 15.20 ? 66  HIS A CB  1 
ATOM   495 C CG  . HIS A 1 66 ? 8.368   -0.275  -1.563  1.00 22.00 ? 66  HIS A CG  1 
ATOM   496 N ND1 . HIS A 1 66 ? 7.613   -1.033  -2.433  1.00 19.90 ? 66  HIS A ND1 1 
ATOM   497 C CD2 . HIS A 1 66 ? 9.495   -0.999  -1.336  1.00 17.60 ? 66  HIS A CD2 1 
ATOM   498 C CE1 . HIS A 1 66 ? 8.201   -2.201  -2.623  1.00 15.30 ? 66  HIS A CE1 1 
ATOM   499 N NE2 . HIS A 1 66 ? 9.353   -2.177  -2.000  1.00 17.80 ? 66  HIS A NE2 1 
ATOM   500 N N   . PRO A 1 67 ? 8.659   -0.393  1.971   1.00 22.90 ? 67  PRO A N   1 
ATOM   501 C CA  . PRO A 1 67 ? 9.704   -0.548  3.006   1.00 25.60 ? 67  PRO A CA  1 
ATOM   502 C C   . PRO A 1 67 ? 11.118  -0.537  2.445   1.00 29.10 ? 67  PRO A C   1 
ATOM   503 O O   . PRO A 1 67 ? 12.079  -0.986  3.115   1.00 30.60 ? 67  PRO A O   1 
ATOM   504 C CB  . PRO A 1 67 ? 9.235   -1.811  3.698   1.00 25.50 ? 67  PRO A CB  1 
ATOM   505 C CG  . PRO A 1 67 ? 8.720   -2.640  2.537   1.00 25.50 ? 67  PRO A CG  1 
ATOM   506 C CD  . PRO A 1 67 ? 7.978   -1.642  1.640   1.00 24.60 ? 67  PRO A CD  1 
ATOM   507 N N   . LYS A 1 68 ? 11.349  0.006   1.264   1.00 31.20 ? 68  LYS A N   1 
ATOM   508 C CA  . LYS A 1 68 ? 12.668  0.087   0.634   1.00 35.20 ? 68  LYS A CA  1 
ATOM   509 C C   . LYS A 1 68 ? 13.112  1.408   0.012   1.00 37.70 ? 68  LYS A C   1 
ATOM   510 O O   . LYS A 1 68 ? 13.991  1.334   -0.878  1.00 35.60 ? 68  LYS A O   1 
ATOM   511 C CB  . LYS A 1 68 ? 12.691  -0.972  -0.490  1.00 35.80 ? 68  LYS A CB  1 
ATOM   512 C CG  . LYS A 1 68 ? 12.861  -2.389  0.066   1.00 38.00 ? 68  LYS A CG  1 
ATOM   513 C CD  . LYS A 1 68 ? 14.165  -2.480  0.849   1.00 38.90 ? 68  LYS A CD  1 
ATOM   514 C CE  . LYS A 1 68 ? 14.317  -3.818  1.559   1.00 40.70 ? 68  LYS A CE  1 
ATOM   515 N NZ  . LYS A 1 68 ? 13.200  -3.953  2.543   1.00 43.30 ? 68  LYS A NZ  1 
ATOM   516 N N   . GLN A 1 69 ? 12.615  2.569   0.370   1.00 40.00 ? 69  GLN A N   1 
ATOM   517 C CA  . GLN A 1 69 ? 12.884  3.890   -0.092  1.00 43.30 ? 69  GLN A CA  1 
ATOM   518 C C   . GLN A 1 69 ? 14.058  4.805   -0.293  1.00 46.60 ? 69  GLN A C   1 
ATOM   519 O O   . GLN A 1 69 ? 14.876  4.715   -1.238  1.00 48.50 ? 69  GLN A O   1 
ATOM   520 N N   . LYS A 1 70 ? 14.173  5.834   0.533   1.00 46.60 ? 70  LYS A N   1 
ATOM   521 C CA  . LYS A 1 70 ? 15.163  6.912   0.624   1.00 45.40 ? 70  LYS A CA  1 
ATOM   522 C C   . LYS A 1 70 ? 14.812  7.774   1.843   1.00 45.70 ? 70  LYS A C   1 
ATOM   523 O O   . LYS A 1 70 ? 13.741  8.404   1.871   1.00 45.10 ? 70  LYS A O   1 
ATOM   524 N N   . ARG A 1 71 ? 15.675  7.799   2.850   1.00 48.10 ? 71  ARG A N   1 
ATOM   525 C CA  . ARG A 1 71 ? 15.434  8.576   4.064   1.00 46.20 ? 71  ARG A CA  1 
ATOM   526 C C   . ARG A 1 71 ? 16.511  8.579   5.132   1.00 46.00 ? 71  ARG A C   1 
ATOM   527 O O   . ARG A 1 71 ? 17.617  9.129   5.021   1.00 49.00 ? 71  ARG A O   1 
ATOM   528 N N   . PRO A 1 72 ? 16.183  7.968   6.252   1.00 43.80 ? 72  PRO A N   1 
ATOM   529 C CA  . PRO A 1 72 ? 17.003  7.881   7.468   1.00 43.60 ? 72  PRO A CA  1 
ATOM   530 C C   . PRO A 1 72 ? 18.369  8.507   7.397   1.00 43.00 ? 72  PRO A C   1 
ATOM   531 O O   . PRO A 1 72 ? 18.432  9.613   8.023   1.00 41.50 ? 72  PRO A O   1 
ATOM   532 C CB  . PRO A 1 72 ? 16.830  6.434   7.897   1.00 42.10 ? 72  PRO A CB  1 
ATOM   533 C CG  . PRO A 1 72 ? 15.373  6.218   7.571   1.00 43.70 ? 72  PRO A CG  1 
ATOM   534 C CD  . PRO A 1 72 ? 14.916  7.277   6.572   1.00 45.00 ? 72  PRO A CD  1 
HETATM 535 O O   . HOH B 2 .  ? -7.784  13.604  3.530   1.00 20.00 ? 73  HOH A O   1 
HETATM 536 O O   . HOH B 2 .  ? -7.906  -19.781 1.823   1.00 31.20 ? 74  HOH A O   1 
HETATM 537 O O   . HOH B 2 .  ? -16.006 7.897   2.323   1.00 27.20 ? 75  HOH A O   1 
HETATM 538 O O   . HOH B 2 .  ? -13.628 3.982   -7.566  1.00 30.80 ? 76  HOH A O   1 
HETATM 539 O O   . HOH B 2 .  ? -12.161 2.264   -1.833  1.00 19.20 ? 77  HOH A O   1 
HETATM 540 O O   . HOH B 2 .  ? -6.942  -11.770 5.180   1.00 10.70 ? 78  HOH A O   1 
HETATM 541 O O   . HOH B 2 .  ? 3.711   0.405   4.002   1.00 14.00 ? 79  HOH A O   1 
HETATM 542 O O   . HOH B 2 .  ? -6.829  10.988  6.068   1.00 24.00 ? 80  HOH A O   1 
HETATM 543 O O   . HOH B 2 .  ? 10.292  7.733   3.536   1.00 21.70 ? 81  HOH A O   1 
HETATM 544 O O   . HOH B 2 .  ? -4.063  -18.511 3.844   1.00 30.40 ? 82  HOH A O   1 
HETATM 545 O O   . HOH B 2 .  ? 0.468   -14.790 2.454   1.00 31.60 ? 83  HOH A O   1 
HETATM 546 O O   . HOH B 2 .  ? -4.758  3.988   -5.256  1.00 17.90 ? 84  HOH A O   1 
HETATM 547 O O   . HOH B 2 .  ? -13.883 7.718   -3.323  1.00 33.00 ? 85  HOH A O   1 
HETATM 548 O O   . HOH B 2 .  ? 1.874   14.804  0.743   1.00 22.20 ? 86  HOH A O   1 
HETATM 549 O O   . HOH B 2 .  ? -9.686  16.390  -2.958  1.00 22.20 ? 87  HOH A O   1 
HETATM 550 O O   . HOH B 2 .  ? -10.475 -8.354  4.454   1.00 19.10 ? 88  HOH A O   1 
HETATM 551 O O   . HOH B 2 .  ? -1.934  13.991  7.316   1.00 21.90 ? 89  HOH A O   1 
HETATM 552 O O   . HOH B 2 .  ? -10.413 14.208  1.134   1.00 54.00 ? 90  HOH A O   1 
HETATM 553 O O   . HOH B 2 .  ? -4.179  -12.091 -5.818  1.00 21.60 ? 91  HOH A O   1 
HETATM 554 O O   . HOH B 2 .  ? 3.167   -14.656 3.725   1.00 37.50 ? 92  HOH A O   1 
HETATM 555 O O   . HOH B 2 .  ? -6.536  -1.470  8.900   1.00 21.10 ? 93  HOH A O   1 
HETATM 556 O O   . HOH B 2 .  ? -1.985  1.302   -6.221  1.00 20.50 ? 94  HOH A O   1 
HETATM 557 O O   . HOH B 2 .  ? -1.438  -4.139  -7.547  1.00 33.60 ? 95  HOH A O   1 
HETATM 558 O O   . HOH B 2 .  ? -6.998  -2.914  -2.950  1.00 18.90 ? 96  HOH A O   1 
HETATM 559 O O   . HOH B 2 .  ? -4.827  9.596   12.219  1.00 19.60 ? 97  HOH A O   1 
HETATM 560 O O   . HOH B 2 .  ? -13.619 -4.105  6.317   1.00 33.10 ? 98  HOH A O   1 
HETATM 561 O O   . HOH B 2 .  ? -7.967  1.840   9.714   1.00 26.00 ? 99  HOH A O   1 
HETATM 562 O O   . HOH B 2 .  ? -13.662 9.854   6.800   1.00 39.50 ? 100 HOH A O   1 
HETATM 563 O O   . HOH B 2 .  ? -10.487 -16.888 7.408   1.00 32.10 ? 101 HOH A O   1 
HETATM 564 O O   . HOH B 2 .  ? -2.764  -18.035 -3.450  1.00 46.60 ? 102 HOH A O   1 
HETATM 565 O O   . HOH B 2 .  ? -1.891  20.487  1.075   1.00 44.00 ? 103 HOH A O   1 
HETATM 566 O O   . HOH B 2 .  ? 11.267  1.269   -4.059  1.00 19.70 ? 104 HOH A O   1 
HETATM 567 O O   . HOH B 2 .  ? 2.943   -8.683  5.736   1.00 35.80 ? 105 HOH A O   1 
HETATM 568 O O   . HOH B 2 .  ? -13.765 -2.701  -1.397  1.00 22.10 ? 106 HOH A O   1 
HETATM 569 O O   . HOH B 2 .  ? -0.469  1.397   5.202   1.00 11.80 ? 107 HOH A O   1 
HETATM 570 O O   . HOH B 2 .  ? -7.932  9.424   11.946  1.00 24.30 ? 108 HOH A O   1 
HETATM 571 O O   . HOH B 2 .  ? -12.697 -10.250 1.598   1.00 49.70 ? 109 HOH A O   1 
HETATM 572 O O   . HOH B 2 .  ? 3.052   -12.411 6.831   1.00 40.70 ? 110 HOH A O   1 
HETATM 573 O O   . HOH B 2 .  ? -4.392  -4.224  -9.258  1.00 28.80 ? 111 HOH A O   1 
HETATM 574 O O   . HOH B 2 .  ? 4.125   -20.838 -0.152  1.00 38.40 ? 112 HOH A O   1 
HETATM 575 O O   . HOH B 2 .  ? 2.596   -18.833 1.781   1.00 19.00 ? 113 HOH A O   1 
HETATM 576 O O   . HOH B 2 .  ? 7.300   -15.989 4.042   1.00 36.20 ? 114 HOH A O   1 
HETATM 577 O O   . HOH B 2 .  ? 7.033   12.760  2.082   1.00 20.90 ? 115 HOH A O   1 
HETATM 578 O O   . HOH B 2 .  ? -1.193  -16.109 -4.885  1.00 29.20 ? 116 HOH A O   1 
HETATM 579 O O   . HOH B 2 .  ? -10.029 -4.389  5.349   1.00 22.60 ? 117 HOH A O   1 
HETATM 580 O O   . HOH B 2 .  ? 10.740  8.628   -5.644  1.00 37.80 ? 118 HOH A O   1 
HETATM 581 O O   . HOH B 2 .  ? 10.585  3.414   -7.272  1.00 14.10 ? 119 HOH A O   1 
HETATM 582 O O   . HOH B 2 .  ? 0.950   12.878  -10.173 1.00 42.40 ? 120 HOH A O   1 
HETATM 583 O O   . HOH B 2 .  ? -4.245  -19.626 -0.722  1.00 52.20 ? 121 HOH A O   1 
HETATM 584 O O   . HOH B 2 .  ? -15.613 16.915  -3.395  1.00 34.10 ? 122 HOH A O   1 
HETATM 585 O O   . HOH B 2 .  ? 12.404  11.424  2.823   1.00 26.10 ? 123 HOH A O   1 
HETATM 586 O O   . HOH B 2 .  ? 18.998  4.956   -1.100  1.00 49.30 ? 124 HOH A O   1 
HETATM 587 O O   . HOH B 2 .  ? 6.109   -2.410  -9.637  1.00 35.50 ? 125 HOH A O   1 
HETATM 588 O O   . HOH B 2 .  ? 9.740   0.301   -8.496  1.00 28.90 ? 126 HOH A O   1 
HETATM 589 O O   . HOH B 2 .  ? 4.714   11.483  -9.004  1.00 27.60 ? 127 HOH A O   1 
HETATM 590 O O   . HOH B 2 .  ? -12.870 8.177   2.738   1.00 20.00 ? 128 HOH A O   1 
HETATM 591 O O   . HOH B 2 .  ? -2.064  3.235   -7.693  1.00 33.40 ? 129 HOH A O   1 
HETATM 592 O O   . HOH B 2 .  ? 2.468   9.977   -8.402  1.00 23.00 ? 130 HOH A O   1 
HETATM 593 O O   . HOH B 2 .  ? 15.591  1.803   -2.994  1.00 25.60 ? 131 HOH A O   1 
HETATM 594 O O   . HOH B 2 .  ? 5.360   -0.393  6.079   1.00 42.40 ? 132 HOH A O   1 
HETATM 595 O O   . HOH B 2 .  ? 7.743   0.858   4.726   1.00 27.30 ? 133 HOH A O   1 
HETATM 596 O O   . HOH B 2 .  ? 4.380   2.116   5.688   1.00 28.40 ? 134 HOH A O   1 
HETATM 597 O O   . HOH B 2 .  ? 2.222   -0.355  6.672   1.00 36.30 ? 135 HOH A O   1 
HETATM 598 O O   . HOH B 2 .  ? -0.594  -1.371  -8.106  1.00 25.30 ? 136 HOH A O   1 
HETATM 599 O O   . HOH B 2 .  ? 14.849  11.305  1.034   1.00 30.00 ? 137 HOH A O   1 
# 
